data_5L22
#
_entry.id   5L22
#
_cell.length_a   118.672
_cell.length_b   97.938
_cell.length_c   179.823
_cell.angle_alpha   90.00
_cell.angle_beta   100.47
_cell.angle_gamma   90.00
#
_symmetry.space_group_name_H-M   'C 1 2 1'
#
loop_
_entity.id
_entity.type
_entity.pdbx_description
1 polymer 'ABC transporter (HlyB subfamily)'
2 non-polymer "ADENOSINE-5'-DIPHOSPHATE"
3 non-polymer 'MAGNESIUM ION'
#
_entity_poly.entity_id   1
_entity_poly.type   'polypeptide(L)'
_entity_poly.pdbx_seq_one_letter_code
;MATKENTENVLRSYLAKYKKTLIIVGLFSLFINILFLLPSIYMLAVYDIVVPSTSVPTLLVITALAVVLYFALGLLQSVR
AKVMQIISLKLDSELNKEVFTSSFEYAIRNPSKASAQPINDLYQLKQFLTSPVLFAIFDLPWVPIYFGVLFVFHVYYGVM
AILSMAVIVALAILNEYITKKKLKESNELLVRSTNFLNRALLNAEVVEALGMRNNLYKKWMNFYSKHLSAFEEATDRNNF
LSNLTRIFRIMAQSLMLGLGGYLAIKHEITTGMIVAGSILLGRILGPIDTIVNGWRQIGNTKVAYTRLNEFLKFLRFKRE
VSVKLPEPKGEIELSNVVVVPPEGKTPVLRNINMRILPGEFVAIIGPSGSGKSSLVRTILGIWLPVHGTVEIDGADLKQW
DRDYFGKFVGYLPQDIELFEGTVAENIARFGELDSEKIIEAAKLSGAHDVIIKLPDGYDTYIGPGGITLSGGQRQRIALA
RALYGNPRIVILDEPDSNLDEQGEQALYNALIELKKRKVTTIIVSHRIRLLNLVDKIAIMQDGTLKAFGKADIIIQKLLR
KNVNLEHHHHHH
;
_entity_poly.pdbx_strand_id   B,A
#
loop_
_chem_comp.id
_chem_comp.type
_chem_comp.name
_chem_comp.formula
ADP non-polymer ADENOSINE-5'-DIPHOSPHATE 'C10 H15 N5 O10 P2'
MG non-polymer 'MAGNESIUM ION' 'Mg 2'
#
# COMPACT_ATOMS: atom_id res chain seq x y z
N VAL A 10 -16.84 16.64 -11.14
CA VAL A 10 -16.84 18.09 -11.12
C VAL A 10 -15.83 18.61 -10.10
N LEU A 11 -16.13 18.42 -8.82
CA LEU A 11 -15.31 18.95 -7.73
C LEU A 11 -13.85 18.49 -7.80
N ARG A 12 -13.59 17.50 -8.65
CA ARG A 12 -12.27 16.91 -8.81
C ARG A 12 -11.16 17.96 -8.95
N SER A 13 -11.45 19.02 -9.69
CA SER A 13 -10.48 20.10 -9.91
C SER A 13 -10.73 21.28 -8.96
N TYR A 14 -11.99 21.48 -8.61
CA TYR A 14 -12.39 22.67 -7.84
C TYR A 14 -11.84 22.68 -6.42
N LEU A 15 -11.53 21.51 -5.87
CA LEU A 15 -11.02 21.43 -4.50
C LEU A 15 -9.59 21.95 -4.43
N ALA A 16 -8.89 21.92 -5.56
CA ALA A 16 -7.55 22.51 -5.66
C ALA A 16 -7.64 23.93 -6.21
N LYS A 17 -8.77 24.22 -6.86
CA LYS A 17 -8.98 25.52 -7.50
C LYS A 17 -9.36 26.60 -6.49
N TYR A 18 -9.75 26.16 -5.29
CA TYR A 18 -10.12 27.09 -4.22
C TYR A 18 -8.94 27.96 -3.79
N LYS A 19 -7.73 27.43 -3.96
CA LYS A 19 -6.52 28.13 -3.55
C LYS A 19 -6.03 29.04 -4.67
N LYS A 20 -6.29 30.33 -4.52
CA LYS A 20 -5.96 31.32 -5.56
C LYS A 20 -4.58 31.93 -5.33
N THR A 21 -3.83 31.38 -4.38
CA THR A 21 -2.49 31.88 -4.09
C THR A 21 -1.51 31.50 -5.20
N LEU A 22 -1.94 30.65 -6.12
CA LEU A 22 -1.09 30.24 -7.23
C LEU A 22 -0.66 31.44 -8.06
N ILE A 23 -1.53 32.46 -8.11
CA ILE A 23 -1.16 33.73 -8.73
C ILE A 23 -0.25 34.49 -7.78
N ILE A 24 -0.53 34.38 -6.48
CA ILE A 24 0.30 35.03 -5.48
C ILE A 24 1.68 34.39 -5.45
N VAL A 25 1.75 33.12 -5.83
CA VAL A 25 3.03 32.44 -5.98
C VAL A 25 3.56 32.62 -7.41
N GLY A 26 2.64 32.78 -8.36
CA GLY A 26 3.01 33.05 -9.74
C GLY A 26 3.68 34.40 -9.87
N LEU A 27 2.99 35.44 -9.39
CA LEU A 27 3.58 36.76 -9.24
C LEU A 27 4.90 36.65 -8.51
N PHE A 28 4.93 35.77 -7.53
CA PHE A 28 6.07 35.63 -6.64
C PHE A 28 7.22 34.92 -7.35
N SER A 29 6.91 33.87 -8.08
CA SER A 29 7.92 33.13 -8.83
C SER A 29 8.69 34.06 -9.75
N LEU A 30 8.00 35.05 -10.30
CA LEU A 30 8.61 36.04 -11.18
C LEU A 30 9.73 36.77 -10.45
N PHE A 31 9.41 37.32 -9.29
CA PHE A 31 10.39 38.08 -8.50
C PHE A 31 11.62 37.25 -8.17
N ILE A 32 11.43 35.95 -7.98
CA ILE A 32 12.55 35.05 -7.76
C ILE A 32 13.43 35.03 -9.01
N ASN A 33 12.78 34.80 -10.14
CA ASN A 33 13.47 34.62 -11.41
C ASN A 33 14.26 35.86 -11.85
N ILE A 34 13.88 37.02 -11.35
CA ILE A 34 14.60 38.24 -11.68
C ILE A 34 15.94 38.29 -10.93
N LEU A 35 15.93 37.86 -9.66
CA LEU A 35 17.14 37.88 -8.85
C LEU A 35 18.14 36.81 -9.28
N PHE A 36 17.65 35.81 -10.01
CA PHE A 36 18.49 34.77 -10.56
C PHE A 36 19.53 35.32 -11.54
N LEU A 37 19.33 36.55 -12.01
CA LEU A 37 20.26 37.17 -12.95
C LEU A 37 21.53 37.61 -12.25
N LEU A 38 21.49 37.64 -10.92
CA LEU A 38 22.60 38.13 -10.11
C LEU A 38 23.93 37.43 -10.39
N PRO A 39 23.94 36.08 -10.40
CA PRO A 39 25.18 35.40 -10.77
C PRO A 39 25.69 35.81 -12.16
N SER A 40 24.79 36.27 -13.02
CA SER A 40 25.17 36.74 -14.34
C SER A 40 25.44 38.24 -14.32
N ILE A 41 24.77 38.94 -13.40
CA ILE A 41 25.06 40.36 -13.19
C ILE A 41 26.42 40.50 -12.52
N TYR A 42 26.70 39.62 -11.58
CA TYR A 42 27.98 39.60 -10.88
C TYR A 42 29.08 39.04 -11.79
N MET A 43 28.69 38.58 -12.98
CA MET A 43 29.66 38.13 -13.97
C MET A 43 30.13 39.30 -14.82
N LEU A 44 29.19 40.06 -15.36
CA LEU A 44 29.52 41.23 -16.18
C LEU A 44 30.01 42.39 -15.32
N ALA A 45 29.48 42.51 -14.12
CA ALA A 45 29.84 43.59 -13.23
C ALA A 45 31.31 43.51 -12.82
N VAL A 46 31.86 42.30 -12.77
CA VAL A 46 33.25 42.10 -12.39
C VAL A 46 34.20 42.44 -13.55
N TYR A 47 33.91 41.92 -14.73
CA TYR A 47 34.76 42.19 -15.89
C TYR A 47 34.62 43.64 -16.35
N ASP A 48 33.66 44.36 -15.76
CA ASP A 48 33.60 45.81 -15.88
C ASP A 48 34.24 46.42 -14.62
N ILE A 49 35.05 45.61 -13.93
CA ILE A 49 35.82 46.08 -12.79
C ILE A 49 37.26 45.57 -12.87
N VAL A 50 37.47 44.45 -13.55
CA VAL A 50 38.80 43.89 -13.75
C VAL A 50 39.65 44.79 -14.66
N VAL A 51 39.08 45.12 -15.82
CA VAL A 51 39.75 46.00 -16.77
C VAL A 51 40.02 47.40 -16.16
N PRO A 52 39.01 48.02 -15.51
CA PRO A 52 39.27 49.31 -14.86
C PRO A 52 40.10 49.21 -13.57
N SER A 53 40.25 47.98 -13.07
CA SER A 53 41.23 47.64 -12.03
C SER A 53 40.92 48.21 -10.65
N THR A 54 39.68 48.60 -10.44
CA THR A 54 39.25 49.09 -9.14
C THR A 54 38.90 47.89 -8.25
N SER A 55 39.91 47.16 -7.79
CA SER A 55 39.69 45.94 -6.99
C SER A 55 39.24 46.22 -5.57
N VAL A 56 39.90 47.16 -4.90
CA VAL A 56 39.71 47.36 -3.47
C VAL A 56 38.28 47.78 -3.07
N PRO A 57 37.68 48.76 -3.77
CA PRO A 57 36.38 49.28 -3.33
C PRO A 57 35.16 48.75 -4.12
N THR A 58 35.10 48.87 -5.45
CA THR A 58 33.84 48.61 -6.15
C THR A 58 33.45 47.12 -6.15
N LEU A 59 34.42 46.22 -6.30
CA LEU A 59 34.14 44.77 -6.26
C LEU A 59 33.41 44.40 -4.99
N LEU A 60 33.91 44.91 -3.87
CA LEU A 60 33.42 44.49 -2.56
C LEU A 60 32.02 45.04 -2.29
N VAL A 61 31.70 46.20 -2.87
CA VAL A 61 30.34 46.71 -2.82
C VAL A 61 29.44 45.84 -3.69
N ILE A 62 29.94 45.48 -4.87
CA ILE A 62 29.21 44.59 -5.76
C ILE A 62 29.21 43.17 -5.19
N THR A 63 30.23 42.85 -4.40
CA THR A 63 30.27 41.59 -3.66
C THR A 63 29.21 41.62 -2.57
N ALA A 64 29.23 42.68 -1.77
CA ALA A 64 28.20 42.90 -0.76
C ALA A 64 26.83 42.93 -1.41
N LEU A 65 26.74 43.59 -2.56
CA LEU A 65 25.53 43.60 -3.35
C LEU A 65 25.12 42.19 -3.72
N ALA A 66 26.10 41.39 -4.13
CA ALA A 66 25.84 40.02 -4.54
C ALA A 66 25.40 39.16 -3.36
N VAL A 67 26.18 39.18 -2.29
CA VAL A 67 25.87 38.38 -1.10
C VAL A 67 24.52 38.79 -0.49
N VAL A 68 24.32 40.10 -0.34
CA VAL A 68 23.07 40.61 0.22
C VAL A 68 21.88 40.23 -0.66
N LEU A 69 22.01 40.46 -1.96
CA LEU A 69 20.94 40.12 -2.89
C LEU A 69 20.70 38.61 -2.91
N TYR A 70 21.76 37.83 -2.71
CA TYR A 70 21.63 36.38 -2.66
C TYR A 70 20.81 35.94 -1.45
N PHE A 71 21.00 36.62 -0.32
CA PHE A 71 20.18 36.38 0.86
C PHE A 71 18.75 36.80 0.57
N ALA A 72 18.59 37.87 -0.18
CA ALA A 72 17.27 38.30 -0.63
C ALA A 72 16.76 37.34 -1.70
N LEU A 73 17.68 36.82 -2.50
CA LEU A 73 17.35 35.84 -3.52
C LEU A 73 16.84 34.58 -2.85
N GLY A 74 17.61 34.08 -1.89
CA GLY A 74 17.24 32.89 -1.14
C GLY A 74 15.99 33.10 -0.31
N LEU A 75 15.82 34.30 0.24
CA LEU A 75 14.64 34.61 1.02
C LEU A 75 13.38 34.58 0.15
N LEU A 76 13.44 35.22 -1.01
CA LEU A 76 12.31 35.22 -1.94
C LEU A 76 12.12 33.86 -2.57
N GLN A 77 13.02 32.92 -2.30
CA GLN A 77 12.92 31.59 -2.89
C GLN A 77 12.55 30.56 -1.81
N SER A 78 12.86 30.84 -0.55
CA SER A 78 12.59 29.91 0.54
C SER A 78 11.12 29.92 0.97
N VAL A 79 10.49 31.09 0.93
CA VAL A 79 9.11 31.24 1.38
C VAL A 79 8.13 30.68 0.35
N ARG A 80 8.55 30.57 -0.91
CA ARG A 80 7.72 29.93 -1.94
C ARG A 80 7.40 28.49 -1.55
N ALA A 81 8.37 27.82 -0.93
CA ALA A 81 8.23 26.42 -0.54
C ALA A 81 7.16 26.24 0.52
N LYS A 82 7.19 27.10 1.54
CA LYS A 82 6.27 26.96 2.68
C LYS A 82 4.83 27.34 2.31
N VAL A 83 4.64 27.92 1.13
CA VAL A 83 3.29 28.19 0.64
C VAL A 83 2.69 26.91 0.07
N MET A 84 3.43 26.24 -0.82
CA MET A 84 2.99 24.99 -1.41
C MET A 84 2.71 23.94 -0.34
N GLN A 85 3.44 24.02 0.76
CA GLN A 85 3.24 23.12 1.89
C GLN A 85 1.87 23.36 2.51
N ILE A 86 1.51 24.62 2.69
CA ILE A 86 0.20 24.99 3.23
C ILE A 86 -0.89 24.67 2.22
N ILE A 87 -0.58 24.85 0.94
CA ILE A 87 -1.51 24.48 -0.13
C ILE A 87 -1.80 22.99 -0.06
N SER A 88 -0.80 22.20 0.30
CA SER A 88 -0.94 20.75 0.40
C SER A 88 -1.75 20.35 1.63
N LEU A 89 -1.75 21.20 2.66
CA LEU A 89 -2.49 20.91 3.88
C LEU A 89 -3.97 21.26 3.73
N LYS A 90 -4.25 22.46 3.23
CA LYS A 90 -5.63 22.85 2.93
C LYS A 90 -6.21 21.86 1.91
N LEU A 91 -5.34 21.33 1.07
CA LEU A 91 -5.72 20.28 0.14
C LEU A 91 -6.01 18.99 0.91
N ASP A 92 -5.11 18.65 1.84
CA ASP A 92 -5.23 17.43 2.62
C ASP A 92 -6.47 17.44 3.51
N SER A 93 -6.54 18.41 4.40
CA SER A 93 -7.59 18.48 5.42
C SER A 93 -8.98 18.38 4.83
N GLU A 94 -9.23 19.08 3.73
CA GLU A 94 -10.53 19.07 3.09
C GLU A 94 -10.82 17.72 2.45
N LEU A 95 -9.80 17.10 1.87
CA LEU A 95 -9.95 15.83 1.19
C LEU A 95 -9.78 14.64 2.13
N ASN A 96 -9.07 14.84 3.23
CA ASN A 96 -8.77 13.74 4.15
C ASN A 96 -10.01 13.01 4.64
N LYS A 97 -10.99 13.75 5.13
CA LYS A 97 -12.20 13.15 5.68
C LYS A 97 -13.04 12.53 4.56
N GLU A 98 -13.21 13.26 3.47
CA GLU A 98 -14.07 12.82 2.36
C GLU A 98 -13.55 11.53 1.73
N VAL A 99 -12.23 11.32 1.78
CA VAL A 99 -11.64 10.11 1.22
C VAL A 99 -11.96 8.90 2.09
N PHE A 100 -11.87 9.08 3.41
CA PHE A 100 -12.07 7.98 4.35
C PHE A 100 -13.55 7.60 4.49
N THR A 101 -14.44 8.58 4.36
CA THR A 101 -15.87 8.34 4.48
C THR A 101 -16.45 7.75 3.20
N SER A 102 -16.04 8.31 2.07
CA SER A 102 -16.55 7.88 0.77
C SER A 102 -16.13 6.45 0.43
N SER A 103 -15.03 6.00 1.02
CA SER A 103 -14.47 4.69 0.70
C SER A 103 -15.35 3.54 1.18
N PHE A 104 -15.93 3.69 2.36
CA PHE A 104 -16.80 2.65 2.91
C PHE A 104 -18.09 2.52 2.10
N GLU A 105 -18.67 3.66 1.74
CA GLU A 105 -19.88 3.67 0.91
C GLU A 105 -19.55 3.15 -0.49
N TYR A 106 -18.33 3.45 -0.94
CA TYR A 106 -17.89 3.05 -2.27
C TYR A 106 -17.54 1.57 -2.36
N ALA A 107 -16.91 1.04 -1.32
CA ALA A 107 -16.45 -0.34 -1.31
C ALA A 107 -17.60 -1.34 -1.22
N ILE A 108 -18.83 -0.84 -1.09
CA ILE A 108 -20.02 -1.69 -1.10
C ILE A 108 -20.61 -1.72 -2.51
N ARG A 109 -20.60 -0.59 -3.19
CA ARG A 109 -21.09 -0.51 -4.56
C ARG A 109 -20.09 -1.15 -5.52
N ASN A 110 -18.82 -1.13 -5.13
CA ASN A 110 -17.74 -1.69 -5.94
C ASN A 110 -16.76 -2.48 -5.08
N PRO A 111 -17.20 -3.62 -4.54
CA PRO A 111 -16.37 -4.43 -3.64
C PRO A 111 -15.16 -5.03 -4.35
N SER A 112 -15.25 -5.19 -5.66
CA SER A 112 -14.13 -5.72 -6.44
C SER A 112 -12.92 -4.81 -6.32
N LYS A 113 -13.13 -3.52 -6.55
CA LYS A 113 -12.06 -2.52 -6.46
C LYS A 113 -12.27 -1.63 -5.23
N ALA A 114 -11.50 -1.89 -4.18
CA ALA A 114 -11.60 -1.12 -2.95
C ALA A 114 -10.34 -1.28 -2.10
N SER A 115 -9.67 -0.17 -1.83
CA SER A 115 -8.45 -0.19 -1.03
C SER A 115 -8.11 1.21 -0.51
N ALA A 116 -6.97 1.30 0.16
CA ALA A 116 -6.53 2.57 0.74
C ALA A 116 -5.70 3.37 -0.26
N GLN A 117 -5.82 3.03 -1.53
CA GLN A 117 -5.02 3.67 -2.57
C GLN A 117 -5.31 5.18 -2.68
N PRO A 118 -6.57 5.60 -2.48
CA PRO A 118 -6.87 7.03 -2.50
C PRO A 118 -6.07 7.84 -1.47
N ILE A 119 -5.72 7.20 -0.35
CA ILE A 119 -4.87 7.84 0.66
C ILE A 119 -3.44 7.96 0.14
N ASN A 120 -2.90 6.87 -0.37
CA ASN A 120 -1.54 6.85 -0.89
C ASN A 120 -1.38 7.80 -2.08
N ASP A 121 -2.46 7.99 -2.83
CA ASP A 121 -2.46 8.91 -3.96
C ASP A 121 -2.61 10.35 -3.48
N LEU A 122 -3.43 10.54 -2.45
CA LEU A 122 -3.54 11.84 -1.81
C LEU A 122 -2.18 12.20 -1.22
N TYR A 123 -1.52 11.20 -0.64
CA TYR A 123 -0.17 11.35 -0.13
C TYR A 123 0.79 11.67 -1.27
N GLN A 124 0.54 11.09 -2.43
CA GLN A 124 1.41 11.28 -3.57
C GLN A 124 1.30 12.71 -4.11
N LEU A 125 0.12 13.30 -4.00
CA LEU A 125 -0.09 14.68 -4.46
C LEU A 125 0.61 15.67 -3.55
N LYS A 126 0.41 15.52 -2.23
CA LYS A 126 1.05 16.38 -1.25
C LYS A 126 2.56 16.39 -1.45
N GLN A 127 3.09 15.25 -1.86
CA GLN A 127 4.51 15.14 -2.16
C GLN A 127 4.88 15.96 -3.38
N PHE A 128 3.97 15.99 -4.36
CA PHE A 128 4.23 16.72 -5.60
C PHE A 128 4.31 18.21 -5.34
N LEU A 129 3.39 18.72 -4.52
CA LEU A 129 3.34 20.13 -4.20
C LEU A 129 4.60 20.55 -3.45
N THR A 130 5.12 19.64 -2.62
CA THR A 130 6.32 19.91 -1.84
C THR A 130 7.60 19.60 -2.63
N SER A 131 7.46 18.79 -3.67
CA SER A 131 8.63 18.34 -4.44
C SER A 131 9.33 19.51 -5.14
N PRO A 132 10.66 19.38 -5.35
CA PRO A 132 11.43 20.43 -6.02
C PRO A 132 11.08 20.56 -7.50
N VAL A 133 10.64 19.45 -8.10
CA VAL A 133 10.31 19.43 -9.51
C VAL A 133 9.16 20.38 -9.83
N LEU A 134 8.27 20.58 -8.86
CA LEU A 134 7.10 21.44 -9.07
C LEU A 134 7.52 22.90 -9.23
N PHE A 135 8.45 23.35 -8.40
CA PHE A 135 8.93 24.73 -8.47
C PHE A 135 9.66 24.97 -9.78
N ALA A 136 10.30 23.92 -10.29
CA ALA A 136 11.01 24.00 -11.56
C ALA A 136 10.03 24.27 -12.69
N ILE A 137 8.76 23.94 -12.48
CA ILE A 137 7.71 24.26 -13.43
C ILE A 137 7.28 25.71 -13.26
N PHE A 138 7.27 26.17 -12.01
CA PHE A 138 6.84 27.53 -11.71
C PHE A 138 7.85 28.58 -12.16
N ASP A 139 9.05 28.13 -12.53
CA ASP A 139 10.10 29.03 -13.00
C ASP A 139 10.05 29.20 -14.52
N LEU A 140 9.44 28.23 -15.20
CA LEU A 140 9.37 28.22 -16.65
C LEU A 140 8.54 29.36 -17.27
N PRO A 141 7.39 29.71 -16.67
CA PRO A 141 6.58 30.74 -17.33
C PRO A 141 7.20 32.13 -17.31
N TRP A 142 8.36 32.27 -16.67
CA TRP A 142 9.06 33.55 -16.62
C TRP A 142 10.47 33.41 -17.22
N VAL A 143 10.60 32.53 -18.20
CA VAL A 143 11.86 32.36 -18.94
C VAL A 143 12.07 33.41 -20.05
N PRO A 144 10.99 33.87 -20.70
CA PRO A 144 11.14 34.90 -21.74
C PRO A 144 11.95 36.12 -21.29
N ILE A 145 12.05 36.34 -19.99
CA ILE A 145 12.90 37.40 -19.45
C ILE A 145 14.37 37.09 -19.75
N TYR A 146 14.75 35.84 -19.51
CA TYR A 146 16.11 35.39 -19.80
C TYR A 146 16.36 35.35 -21.29
N PHE A 147 15.32 34.96 -22.02
CA PHE A 147 15.38 34.89 -23.47
C PHE A 147 15.70 36.26 -24.07
N GLY A 148 15.33 37.31 -23.34
CA GLY A 148 15.54 38.67 -23.80
C GLY A 148 16.90 39.24 -23.44
N VAL A 149 17.24 39.17 -22.16
CA VAL A 149 18.51 39.72 -21.66
C VAL A 149 19.70 39.16 -22.42
N LEU A 150 19.57 37.92 -22.90
CA LEU A 150 20.63 37.28 -23.67
C LEU A 150 20.64 37.81 -25.10
N PHE A 151 19.49 38.28 -25.58
CA PHE A 151 19.35 38.73 -26.95
C PHE A 151 19.63 40.22 -27.10
N VAL A 152 19.27 41.00 -26.08
CA VAL A 152 19.48 42.45 -26.12
C VAL A 152 20.97 42.78 -26.26
N PHE A 153 21.82 41.90 -25.75
CA PHE A 153 23.26 42.10 -25.85
C PHE A 153 23.74 41.77 -27.27
N HIS A 154 23.21 40.70 -27.83
CA HIS A 154 23.58 40.29 -29.19
C HIS A 154 22.55 39.34 -29.79
N VAL A 155 22.45 39.37 -31.13
CA VAL A 155 21.46 38.57 -31.84
C VAL A 155 21.95 37.15 -32.13
N TYR A 156 23.25 36.99 -32.35
CA TYR A 156 23.80 35.67 -32.67
C TYR A 156 23.74 34.71 -31.48
N TYR A 157 23.64 35.27 -30.28
CA TYR A 157 23.58 34.44 -29.08
C TYR A 157 22.26 33.67 -29.01
N GLY A 158 21.17 34.37 -28.71
CA GLY A 158 19.90 33.70 -28.47
C GLY A 158 19.36 32.94 -29.67
N VAL A 159 19.98 33.08 -30.83
CA VAL A 159 19.66 32.20 -31.95
C VAL A 159 19.91 30.77 -31.48
N MET A 160 21.02 30.58 -30.76
CA MET A 160 21.30 29.32 -30.11
C MET A 160 20.22 29.01 -29.08
N ALA A 161 19.80 30.04 -28.32
CA ALA A 161 18.78 29.86 -27.29
C ALA A 161 17.46 29.38 -27.90
N ILE A 162 17.06 29.96 -29.03
CA ILE A 162 15.87 29.50 -29.72
C ILE A 162 16.11 28.11 -30.30
N LEU A 163 17.20 27.97 -31.04
CA LEU A 163 17.49 26.73 -31.77
C LEU A 163 17.90 25.60 -30.83
N SER A 164 18.32 25.93 -29.62
CA SER A 164 18.62 24.91 -28.62
C SER A 164 17.35 24.52 -27.88
N MET A 165 16.48 25.50 -27.65
CA MET A 165 15.18 25.24 -27.04
C MET A 165 14.35 24.32 -27.93
N ALA A 166 14.41 24.55 -29.23
CA ALA A 166 13.70 23.71 -30.19
C ALA A 166 14.25 22.29 -30.19
N VAL A 167 15.45 22.12 -29.64
CA VAL A 167 16.09 20.82 -29.52
C VAL A 167 15.86 20.23 -28.13
N ILE A 168 15.93 21.08 -27.10
CA ILE A 168 15.71 20.65 -25.73
C ILE A 168 14.25 20.32 -25.48
N VAL A 169 13.36 21.23 -25.89
CA VAL A 169 11.93 20.99 -25.76
C VAL A 169 11.53 19.74 -26.53
N ALA A 170 12.20 19.50 -27.65
CA ALA A 170 11.93 18.32 -28.47
C ALA A 170 12.21 17.04 -27.68
N LEU A 171 13.36 16.98 -27.02
CA LEU A 171 13.75 15.81 -26.23
C LEU A 171 12.78 15.58 -25.08
N ALA A 172 12.31 16.68 -24.48
CA ALA A 172 11.40 16.61 -23.35
C ALA A 172 10.04 16.06 -23.79
N ILE A 173 9.62 16.44 -24.99
CA ILE A 173 8.37 15.94 -25.56
C ILE A 173 8.51 14.47 -25.92
N LEU A 174 9.66 14.10 -26.48
CA LEU A 174 9.93 12.71 -26.85
C LEU A 174 9.89 11.80 -25.63
N ASN A 175 10.36 12.31 -24.50
CA ASN A 175 10.41 11.52 -23.27
C ASN A 175 9.03 11.08 -22.81
N GLU A 176 8.01 11.86 -23.17
CA GLU A 176 6.64 11.54 -22.77
C GLU A 176 6.08 10.39 -23.58
N TYR A 177 6.06 10.55 -24.89
CA TYR A 177 5.31 9.66 -25.77
C TYR A 177 5.87 8.24 -25.84
N ILE A 178 7.06 8.02 -25.31
CA ILE A 178 7.66 6.68 -25.27
C ILE A 178 7.65 6.11 -23.85
N THR A 179 7.09 6.86 -22.90
CA THR A 179 6.97 6.40 -21.52
C THR A 179 5.61 6.74 -20.91
N LYS A 180 4.79 7.48 -21.66
CA LYS A 180 3.44 7.81 -21.20
C LYS A 180 2.57 6.55 -21.17
N LYS A 181 2.84 5.65 -22.11
CA LYS A 181 2.05 4.43 -22.26
C LYS A 181 2.54 3.30 -21.37
N LYS A 182 3.78 3.42 -20.89
CA LYS A 182 4.38 2.39 -20.06
C LYS A 182 4.22 2.68 -18.57
N LEU A 183 4.50 3.92 -18.17
CA LEU A 183 4.43 4.29 -16.75
C LEU A 183 3.01 4.19 -16.20
N LYS A 184 2.05 4.73 -16.93
CA LYS A 184 0.65 4.67 -16.52
C LYS A 184 0.22 3.22 -16.34
N GLU A 185 0.86 2.32 -17.08
CA GLU A 185 0.60 0.89 -16.98
C GLU A 185 1.40 0.28 -15.84
N SER A 186 2.67 0.67 -15.74
CA SER A 186 3.56 0.12 -14.72
C SER A 186 3.12 0.50 -13.32
N ASN A 187 2.58 1.70 -13.17
CA ASN A 187 2.09 2.17 -11.87
C ASN A 187 0.85 1.40 -11.47
N GLU A 188 -0.06 1.21 -12.41
CA GLU A 188 -1.32 0.53 -12.14
C GLU A 188 -1.12 -0.94 -11.78
N LEU A 189 -0.38 -1.67 -12.61
CA LEU A 189 -0.18 -3.09 -12.38
C LEU A 189 0.54 -3.36 -11.06
N LEU A 190 1.27 -2.37 -10.56
CA LEU A 190 1.92 -2.49 -9.26
C LEU A 190 0.86 -2.52 -8.17
N VAL A 191 -0.19 -1.73 -8.36
CA VAL A 191 -1.29 -1.67 -7.40
C VAL A 191 -2.07 -2.98 -7.42
N ARG A 192 -2.28 -3.53 -8.62
CA ARG A 192 -2.97 -4.81 -8.77
C ARG A 192 -2.21 -5.92 -8.06
N SER A 193 -0.89 -5.87 -8.15
CA SER A 193 -0.04 -6.86 -7.48
C SER A 193 -0.08 -6.68 -5.97
N THR A 194 -0.15 -5.42 -5.54
CA THR A 194 -0.27 -5.11 -4.11
C THR A 194 -1.58 -5.64 -3.54
N ASN A 195 -2.69 -5.35 -4.21
CA ASN A 195 -4.00 -5.79 -3.76
C ASN A 195 -4.12 -7.30 -3.73
N PHE A 196 -3.69 -7.94 -4.81
CA PHE A 196 -3.76 -9.39 -4.92
C PHE A 196 -3.08 -10.07 -3.73
N LEU A 197 -1.91 -9.55 -3.35
CA LEU A 197 -1.17 -10.09 -2.22
C LEU A 197 -1.90 -9.80 -0.92
N ASN A 198 -2.48 -8.61 -0.80
CA ASN A 198 -3.23 -8.24 0.39
C ASN A 198 -4.42 -9.16 0.62
N ARG A 199 -5.22 -9.37 -0.41
CA ARG A 199 -6.38 -10.27 -0.32
C ARG A 199 -5.94 -11.70 0.01
N ALA A 200 -4.87 -12.14 -0.62
CA ALA A 200 -4.38 -13.50 -0.43
C ALA A 200 -3.85 -13.70 0.99
N LEU A 201 -3.17 -12.67 1.50
CA LEU A 201 -2.54 -12.75 2.81
C LEU A 201 -3.56 -12.94 3.92
N LEU A 202 -4.82 -12.59 3.66
CA LEU A 202 -5.88 -12.86 4.60
C LEU A 202 -6.04 -14.37 4.79
N ASN A 203 -5.88 -15.10 3.69
CA ASN A 203 -6.05 -16.55 3.68
C ASN A 203 -4.71 -17.27 3.88
N ALA A 204 -3.77 -16.60 4.53
CA ALA A 204 -2.43 -17.13 4.72
C ALA A 204 -2.45 -18.48 5.45
N GLU A 205 -3.48 -18.70 6.26
CA GLU A 205 -3.57 -19.91 7.07
C GLU A 205 -3.65 -21.16 6.20
N VAL A 206 -4.54 -21.18 5.22
CA VAL A 206 -4.71 -22.35 4.38
C VAL A 206 -3.55 -22.48 3.40
N VAL A 207 -3.07 -21.33 2.91
CA VAL A 207 -1.91 -21.29 2.02
C VAL A 207 -0.74 -22.08 2.61
N GLU A 208 -0.54 -21.91 3.91
CA GLU A 208 0.51 -22.62 4.63
C GLU A 208 0.12 -24.06 4.88
N ALA A 209 -1.17 -24.28 5.16
CA ALA A 209 -1.68 -25.61 5.44
C ALA A 209 -1.52 -26.52 4.23
N LEU A 210 -2.05 -26.08 3.10
CA LEU A 210 -2.04 -26.86 1.86
C LEU A 210 -0.83 -26.53 0.98
N GLY A 211 0.07 -25.71 1.50
CA GLY A 211 1.31 -25.38 0.81
C GLY A 211 1.14 -24.86 -0.60
N MET A 212 0.04 -24.16 -0.85
CA MET A 212 -0.27 -23.69 -2.19
C MET A 212 0.31 -22.29 -2.46
N ARG A 213 1.47 -22.02 -1.90
CA ARG A 213 2.09 -20.72 -2.05
C ARG A 213 2.69 -20.58 -3.44
N ASN A 214 3.32 -21.64 -3.92
CA ASN A 214 3.93 -21.64 -5.24
C ASN A 214 2.86 -21.62 -6.34
N ASN A 215 1.74 -22.25 -6.05
CA ASN A 215 0.62 -22.28 -6.99
C ASN A 215 0.04 -20.87 -7.18
N LEU A 216 -0.03 -20.12 -6.09
CA LEU A 216 -0.52 -18.76 -6.13
C LEU A 216 0.50 -17.83 -6.79
N TYR A 217 1.77 -18.19 -6.68
CA TYR A 217 2.83 -17.38 -7.27
C TYR A 217 2.67 -17.30 -8.79
N LYS A 218 2.32 -18.41 -9.42
CA LYS A 218 2.02 -18.40 -10.85
C LYS A 218 0.91 -17.41 -11.14
N LYS A 219 -0.18 -17.51 -10.37
CA LYS A 219 -1.33 -16.64 -10.53
C LYS A 219 -0.95 -15.18 -10.33
N TRP A 220 -0.07 -14.93 -9.38
CA TRP A 220 0.37 -13.58 -9.08
C TRP A 220 1.24 -13.01 -10.20
N MET A 221 1.92 -13.89 -10.92
CA MET A 221 2.88 -13.46 -11.94
C MET A 221 2.19 -12.91 -13.18
N ASN A 222 0.89 -13.17 -13.32
CA ASN A 222 0.13 -12.66 -14.46
C ASN A 222 -0.03 -11.14 -14.38
N PHE A 223 0.19 -10.58 -13.20
CA PHE A 223 0.10 -9.14 -12.98
C PHE A 223 1.48 -8.49 -12.83
N TYR A 224 2.37 -9.18 -12.10
CA TYR A 224 3.66 -8.61 -11.75
C TYR A 224 4.65 -8.62 -12.91
N SER A 225 4.68 -9.72 -13.67
CA SER A 225 5.57 -9.83 -14.82
C SER A 225 5.20 -8.79 -15.87
N LYS A 226 3.93 -8.42 -15.92
CA LYS A 226 3.47 -7.39 -16.85
C LYS A 226 3.80 -6.01 -16.32
N HIS A 227 3.95 -5.89 -15.01
CA HIS A 227 4.36 -4.63 -14.39
C HIS A 227 5.82 -4.34 -14.66
N LEU A 228 6.68 -5.33 -14.43
CA LEU A 228 8.12 -5.16 -14.65
C LEU A 228 8.41 -4.81 -16.10
N SER A 229 7.79 -5.54 -17.02
CA SER A 229 8.00 -5.32 -18.45
C SER A 229 7.69 -3.88 -18.83
N ALA A 230 6.82 -3.24 -18.06
CA ALA A 230 6.46 -1.84 -18.28
C ALA A 230 7.39 -0.90 -17.51
N PHE A 231 7.82 -1.35 -16.33
CA PHE A 231 8.71 -0.56 -15.49
C PHE A 231 10.10 -0.48 -16.10
N GLU A 232 10.56 -1.59 -16.68
CA GLU A 232 11.88 -1.66 -17.30
C GLU A 232 11.99 -0.69 -18.46
N GLU A 233 11.05 -0.76 -19.39
CA GLU A 233 11.04 0.11 -20.55
C GLU A 233 10.88 1.57 -20.14
N ALA A 234 10.03 1.81 -19.15
CA ALA A 234 9.76 3.16 -18.69
C ALA A 234 11.02 3.84 -18.15
N THR A 235 11.65 3.20 -17.18
CA THR A 235 12.84 3.77 -16.53
C THR A 235 14.02 3.84 -17.51
N ASP A 236 14.14 2.82 -18.35
CA ASP A 236 15.23 2.76 -19.32
C ASP A 236 15.13 3.89 -20.33
N ARG A 237 13.95 4.04 -20.94
CA ARG A 237 13.72 5.09 -21.91
C ARG A 237 13.80 6.47 -21.24
N ASN A 238 13.27 6.56 -20.03
CA ASN A 238 13.33 7.82 -19.28
C ASN A 238 14.76 8.19 -18.93
N ASN A 239 15.52 7.20 -18.48
CA ASN A 239 16.93 7.39 -18.16
C ASN A 239 17.76 7.71 -19.40
N PHE A 240 17.43 7.07 -20.52
CA PHE A 240 18.11 7.33 -21.79
C PHE A 240 18.03 8.81 -22.17
N LEU A 241 16.85 9.40 -21.99
CA LEU A 241 16.60 10.76 -22.43
C LEU A 241 16.80 11.79 -21.30
N SER A 242 16.67 11.36 -20.05
CA SER A 242 16.96 12.24 -18.92
C SER A 242 18.44 12.58 -18.93
N ASN A 243 19.22 11.69 -19.52
CA ASN A 243 20.66 11.89 -19.67
C ASN A 243 20.98 12.79 -20.84
N LEU A 244 20.20 12.68 -21.91
CA LEU A 244 20.42 13.52 -23.09
C LEU A 244 20.09 14.98 -22.79
N THR A 245 19.17 15.22 -21.85
CA THR A 245 18.79 16.59 -21.50
C THR A 245 19.75 17.23 -20.52
N ARG A 246 20.38 16.43 -19.66
CA ARG A 246 21.33 16.96 -18.68
C ARG A 246 22.69 17.23 -19.32
N ILE A 247 23.06 16.41 -20.30
CA ILE A 247 24.34 16.55 -20.97
C ILE A 247 24.26 17.60 -22.08
N PHE A 248 23.10 17.69 -22.74
CA PHE A 248 22.91 18.72 -23.75
C PHE A 248 22.95 20.10 -23.10
N ARG A 249 22.66 20.14 -21.81
CA ARG A 249 22.78 21.38 -21.05
C ARG A 249 24.24 21.80 -20.98
N ILE A 250 25.14 20.82 -20.99
CA ILE A 250 26.58 21.09 -20.91
C ILE A 250 27.15 21.41 -22.29
N MET A 251 26.74 20.65 -23.30
CA MET A 251 27.25 20.85 -24.65
C MET A 251 26.76 22.19 -25.22
N ALA A 252 25.45 22.41 -25.13
CA ALA A 252 24.85 23.64 -25.64
C ALA A 252 25.46 24.86 -24.97
N GLN A 253 25.76 24.74 -23.67
CA GLN A 253 26.44 25.79 -22.94
C GLN A 253 27.85 26.00 -23.47
N SER A 254 28.52 24.89 -23.81
CA SER A 254 29.88 24.96 -24.35
C SER A 254 29.87 25.46 -25.79
N LEU A 255 28.79 25.17 -26.52
CA LEU A 255 28.66 25.63 -27.89
C LEU A 255 28.37 27.13 -27.94
N MET A 256 27.83 27.67 -26.85
CA MET A 256 27.63 29.10 -26.75
C MET A 256 28.97 29.81 -26.69
N LEU A 257 29.94 29.18 -26.05
CA LEU A 257 31.30 29.70 -26.03
C LEU A 257 31.93 29.54 -27.41
N GLY A 258 31.52 28.50 -28.12
CA GLY A 258 31.98 28.27 -29.48
C GLY A 258 31.61 29.44 -30.38
N LEU A 259 30.36 29.90 -30.27
CA LEU A 259 29.94 31.11 -30.97
C LEU A 259 30.17 32.32 -30.09
N GLY A 260 30.39 32.10 -28.80
CA GLY A 260 30.76 33.15 -27.87
C GLY A 260 32.25 33.45 -27.92
N GLY A 261 32.95 32.77 -28.84
CA GLY A 261 34.34 33.03 -29.10
C GLY A 261 34.52 33.33 -30.58
N TYR A 262 33.79 32.59 -31.41
CA TYR A 262 33.79 32.80 -32.86
C TYR A 262 33.29 34.20 -33.20
N LEU A 263 32.52 34.79 -32.28
CA LEU A 263 31.95 36.12 -32.49
C LEU A 263 32.42 37.12 -31.42
N ALA A 264 33.32 36.68 -30.53
CA ALA A 264 33.83 37.53 -29.47
C ALA A 264 35.26 37.97 -29.76
N ILE A 265 35.95 37.24 -30.63
CA ILE A 265 37.25 37.67 -31.12
C ILE A 265 37.03 38.99 -31.85
N LYS A 266 35.85 39.14 -32.44
CA LYS A 266 35.36 40.43 -32.89
C LYS A 266 34.72 41.13 -31.70
N HIS A 267 34.92 42.44 -31.58
CA HIS A 267 34.48 43.19 -30.41
C HIS A 267 32.99 43.54 -30.45
N GLU A 268 32.18 42.67 -31.05
CA GLU A 268 30.73 42.80 -30.97
C GLU A 268 30.26 42.46 -29.56
N ILE A 269 31.09 41.70 -28.85
CA ILE A 269 30.79 41.23 -27.51
C ILE A 269 31.85 41.70 -26.52
N THR A 270 31.40 42.13 -25.34
CA THR A 270 32.31 42.55 -24.29
C THR A 270 33.17 41.37 -23.83
N THR A 271 34.41 41.64 -23.46
CA THR A 271 35.36 40.60 -23.09
C THR A 271 34.84 39.70 -21.97
N GLY A 272 33.88 40.19 -21.20
CA GLY A 272 33.32 39.44 -20.09
C GLY A 272 32.04 38.70 -20.43
N MET A 273 31.36 39.17 -21.47
CA MET A 273 30.09 38.56 -21.89
C MET A 273 30.31 37.21 -22.59
N ILE A 274 31.58 36.89 -22.86
CA ILE A 274 31.95 35.61 -23.46
C ILE A 274 31.38 34.44 -22.67
N VAL A 275 31.37 34.57 -21.35
CA VAL A 275 30.95 33.50 -20.46
C VAL A 275 29.50 33.67 -19.99
N ALA A 276 29.13 34.91 -19.71
CA ALA A 276 27.80 35.20 -19.16
C ALA A 276 26.70 34.69 -20.08
N GLY A 277 26.97 34.66 -21.39
CA GLY A 277 26.00 34.19 -22.35
C GLY A 277 25.69 32.72 -22.20
N SER A 278 26.72 31.93 -21.87
CA SER A 278 26.55 30.50 -21.71
C SER A 278 25.75 30.18 -20.44
N ILE A 279 25.98 30.97 -19.40
CA ILE A 279 25.29 30.77 -18.12
C ILE A 279 23.78 30.84 -18.30
N LEU A 280 23.32 31.86 -19.03
CA LEU A 280 21.90 32.09 -19.21
C LEU A 280 21.24 30.93 -19.96
N LEU A 281 22.02 30.22 -20.77
CA LEU A 281 21.50 29.08 -21.51
C LEU A 281 21.24 27.91 -20.57
N GLY A 282 22.10 27.75 -19.57
CA GLY A 282 21.95 26.68 -18.59
C GLY A 282 20.72 26.86 -17.72
N ARG A 283 20.11 28.05 -17.79
CA ARG A 283 18.93 28.34 -17.01
C ARG A 283 17.67 28.35 -17.87
N ILE A 284 17.83 28.67 -19.15
CA ILE A 284 16.73 28.56 -20.09
C ILE A 284 16.43 27.07 -20.28
N LEU A 285 17.49 26.27 -20.30
CA LEU A 285 17.38 24.83 -20.47
C LEU A 285 17.48 24.12 -19.11
N GLY A 286 17.58 24.91 -18.04
CA GLY A 286 17.74 24.39 -16.70
C GLY A 286 16.55 23.62 -16.17
N PRO A 287 15.38 24.27 -16.08
CA PRO A 287 14.21 23.59 -15.53
C PRO A 287 13.82 22.34 -16.32
N ILE A 288 13.93 22.39 -17.64
CA ILE A 288 13.59 21.25 -18.48
C ILE A 288 14.50 20.07 -18.16
N ASP A 289 15.78 20.34 -17.88
CA ASP A 289 16.71 19.29 -17.49
C ASP A 289 16.26 18.65 -16.19
N THR A 290 16.01 19.46 -15.17
CA THR A 290 15.60 18.95 -13.86
C THR A 290 14.24 18.26 -13.95
N ILE A 291 13.40 18.72 -14.87
CA ILE A 291 12.09 18.12 -15.07
C ILE A 291 12.21 16.68 -15.54
N VAL A 292 12.98 16.47 -16.62
CA VAL A 292 13.11 15.14 -17.19
C VAL A 292 13.88 14.21 -16.25
N ASN A 293 14.87 14.76 -15.53
CA ASN A 293 15.62 13.99 -14.55
C ASN A 293 14.69 13.35 -13.53
N GLY A 294 13.79 14.16 -12.98
CA GLY A 294 12.76 13.69 -12.07
C GLY A 294 11.39 13.79 -12.72
N TRP A 295 11.23 13.14 -13.87
CA TRP A 295 9.95 13.16 -14.57
C TRP A 295 9.00 12.11 -14.02
N ARG A 296 9.54 11.17 -13.24
CA ARG A 296 8.75 10.09 -12.68
C ARG A 296 7.81 10.64 -11.62
N GLN A 297 8.30 11.64 -10.87
CA GLN A 297 7.47 12.34 -9.90
C GLN A 297 6.27 12.92 -10.64
N ILE A 298 6.54 13.60 -11.75
CA ILE A 298 5.47 14.15 -12.56
C ILE A 298 4.62 13.02 -13.12
N GLY A 299 5.25 11.87 -13.37
CA GLY A 299 4.54 10.70 -13.87
C GLY A 299 3.59 10.15 -12.82
N ASN A 300 4.16 9.64 -11.72
CA ASN A 300 3.37 8.97 -10.70
C ASN A 300 2.40 9.88 -9.96
N THR A 301 2.72 11.17 -9.89
CA THR A 301 1.83 12.12 -9.22
C THR A 301 0.67 12.51 -10.13
N LYS A 302 0.85 12.37 -11.44
CA LYS A 302 -0.24 12.58 -12.38
C LYS A 302 -1.06 11.31 -12.55
N VAL A 303 -0.41 10.15 -12.39
CA VAL A 303 -1.11 8.88 -12.35
C VAL A 303 -1.90 8.79 -11.06
N ALA A 304 -1.25 9.12 -9.95
CA ALA A 304 -1.89 9.12 -8.65
C ALA A 304 -3.01 10.15 -8.60
N TYR A 305 -2.84 11.25 -9.33
CA TYR A 305 -3.86 12.28 -9.41
C TYR A 305 -5.16 11.72 -9.97
N THR A 306 -5.10 11.21 -11.20
CA THR A 306 -6.27 10.69 -11.89
C THR A 306 -6.94 9.55 -11.12
N ARG A 307 -6.15 8.83 -10.33
CA ARG A 307 -6.65 7.68 -9.59
C ARG A 307 -7.49 8.15 -8.40
N LEU A 308 -6.93 9.08 -7.63
CA LEU A 308 -7.67 9.71 -6.53
C LEU A 308 -8.83 10.54 -7.09
N ASN A 309 -8.73 10.90 -8.36
CA ASN A 309 -9.73 11.71 -9.04
C ASN A 309 -11.09 11.02 -9.11
N GLU A 310 -11.12 9.85 -9.73
CA GLU A 310 -12.35 9.11 -9.95
C GLU A 310 -13.06 8.74 -8.65
N PHE A 311 -12.27 8.38 -7.64
CA PHE A 311 -12.81 7.91 -6.37
C PHE A 311 -13.73 8.93 -5.71
N LEU A 312 -13.52 10.21 -6.00
CA LEU A 312 -14.26 11.29 -5.36
C LEU A 312 -15.54 11.67 -6.10
N LYS A 313 -15.90 10.90 -7.11
CA LYS A 313 -17.13 11.15 -7.86
C LYS A 313 -18.36 10.55 -7.16
N PHE A 314 -18.12 9.71 -6.15
CA PHE A 314 -19.21 9.11 -5.40
C PHE A 314 -19.80 10.08 -4.38
N LEU A 315 -19.23 11.28 -4.30
CA LEU A 315 -19.74 12.31 -3.40
C LEU A 315 -20.95 13.01 -4.03
N PRO A 326 -37.85 11.31 11.77
CA PRO A 326 -38.61 10.75 12.89
C PRO A 326 -37.81 9.71 13.67
N GLU A 327 -38.47 9.02 14.60
CA GLU A 327 -37.86 7.89 15.29
C GLU A 327 -38.54 6.60 14.84
N PRO A 328 -37.76 5.53 14.63
CA PRO A 328 -38.35 4.27 14.20
C PRO A 328 -39.24 3.66 15.27
N LYS A 329 -40.26 2.92 14.84
CA LYS A 329 -41.20 2.30 15.76
C LYS A 329 -41.16 0.78 15.57
N GLY A 330 -40.85 0.34 14.36
CA GLY A 330 -40.56 -1.06 14.11
C GLY A 330 -41.13 -1.64 12.82
N GLU A 331 -41.97 -0.88 12.13
CA GLU A 331 -42.59 -1.38 10.91
C GLU A 331 -41.58 -1.41 9.77
N ILE A 332 -41.49 -2.58 9.13
CA ILE A 332 -40.68 -2.73 7.92
C ILE A 332 -41.61 -3.15 6.80
N GLU A 333 -41.28 -2.74 5.57
CA GLU A 333 -42.10 -3.09 4.41
C GLU A 333 -41.27 -3.18 3.14
N LEU A 334 -41.59 -4.16 2.31
CA LEU A 334 -40.98 -4.34 1.01
C LEU A 334 -42.09 -4.47 -0.02
N SER A 335 -42.01 -3.65 -1.07
CA SER A 335 -43.05 -3.62 -2.09
C SER A 335 -42.44 -3.69 -3.50
N ASN A 336 -42.75 -4.77 -4.21
CA ASN A 336 -42.30 -4.97 -5.59
C ASN A 336 -40.78 -4.89 -5.69
N VAL A 337 -40.11 -5.43 -4.68
CA VAL A 337 -38.67 -5.28 -4.55
C VAL A 337 -37.89 -6.28 -5.39
N VAL A 338 -37.02 -5.75 -6.26
CA VAL A 338 -36.03 -6.56 -6.98
C VAL A 338 -34.66 -6.01 -6.65
N VAL A 339 -33.76 -6.87 -6.21
CA VAL A 339 -32.42 -6.46 -5.83
C VAL A 339 -31.37 -7.13 -6.72
N VAL A 340 -30.44 -6.31 -7.21
CA VAL A 340 -29.27 -6.81 -7.93
C VAL A 340 -28.04 -6.46 -7.11
N PRO A 341 -27.27 -7.48 -6.69
CA PRO A 341 -26.12 -7.14 -5.85
C PRO A 341 -25.08 -6.32 -6.60
N PRO A 342 -24.31 -5.48 -5.88
CA PRO A 342 -23.26 -4.68 -6.52
C PRO A 342 -22.33 -5.54 -7.37
N GLU A 343 -22.20 -5.20 -8.65
CA GLU A 343 -21.41 -5.99 -9.59
C GLU A 343 -21.96 -7.39 -9.70
N GLY A 344 -23.27 -7.50 -9.91
CA GLY A 344 -23.97 -8.78 -9.85
C GLY A 344 -24.60 -9.23 -11.15
N LYS A 345 -24.89 -8.29 -12.04
CA LYS A 345 -25.53 -8.58 -13.34
C LYS A 345 -26.92 -9.20 -13.17
N THR A 346 -26.98 -10.38 -12.54
CA THR A 346 -28.24 -11.10 -12.35
C THR A 346 -28.95 -10.64 -11.08
N PRO A 347 -30.30 -10.62 -11.09
CA PRO A 347 -31.05 -10.28 -9.87
C PRO A 347 -31.00 -11.40 -8.82
N VAL A 348 -30.76 -11.03 -7.57
CA VAL A 348 -30.64 -12.02 -6.49
C VAL A 348 -31.94 -12.08 -5.68
N LEU A 349 -32.71 -11.01 -5.73
CA LEU A 349 -34.06 -10.99 -5.15
C LEU A 349 -35.05 -10.58 -6.22
N ARG A 350 -36.15 -11.33 -6.34
CA ARG A 350 -37.10 -11.14 -7.44
C ARG A 350 -38.53 -10.99 -6.95
N ASN A 351 -39.03 -9.75 -7.01
CA ASN A 351 -40.41 -9.45 -6.68
C ASN A 351 -40.77 -9.78 -5.23
N ILE A 352 -39.96 -9.28 -4.30
CA ILE A 352 -40.20 -9.50 -2.89
C ILE A 352 -41.29 -8.55 -2.37
N ASN A 353 -42.35 -9.14 -1.83
CA ASN A 353 -43.43 -8.38 -1.19
C ASN A 353 -43.64 -8.86 0.25
N MET A 354 -43.30 -8.00 1.21
CA MET A 354 -43.37 -8.37 2.62
C MET A 354 -43.60 -7.15 3.49
N ARG A 355 -44.36 -7.34 4.57
CA ARG A 355 -44.62 -6.28 5.53
C ARG A 355 -44.48 -6.79 6.96
N ILE A 356 -43.33 -6.53 7.57
CA ILE A 356 -43.10 -6.92 8.95
C ILE A 356 -43.57 -5.81 9.88
N LEU A 357 -44.58 -6.13 10.69
CA LEU A 357 -45.15 -5.16 11.61
C LEU A 357 -44.18 -4.88 12.76
N PRO A 358 -44.45 -3.81 13.52
CA PRO A 358 -43.58 -3.48 14.66
C PRO A 358 -43.58 -4.55 15.75
N GLY A 359 -42.47 -4.65 16.48
CA GLY A 359 -42.35 -5.59 17.58
C GLY A 359 -42.53 -7.04 17.18
N GLU A 360 -42.44 -7.32 15.89
CA GLU A 360 -42.70 -8.66 15.37
C GLU A 360 -41.39 -9.45 15.23
N PHE A 361 -41.47 -10.76 15.45
CA PHE A 361 -40.34 -11.64 15.25
C PHE A 361 -40.44 -12.29 13.87
N VAL A 362 -39.30 -12.56 13.25
CA VAL A 362 -39.27 -13.16 11.93
C VAL A 362 -38.10 -14.12 11.76
N ALA A 363 -38.42 -15.39 11.58
CA ALA A 363 -37.41 -16.39 11.24
C ALA A 363 -37.37 -16.52 9.73
N ILE A 364 -36.16 -16.46 9.17
CA ILE A 364 -35.98 -16.60 7.73
C ILE A 364 -35.24 -17.90 7.45
N ILE A 365 -36.01 -18.93 7.10
CA ILE A 365 -35.47 -20.26 6.84
C ILE A 365 -35.39 -20.51 5.34
N GLY A 366 -34.70 -21.59 4.96
CA GLY A 366 -34.56 -21.96 3.57
C GLY A 366 -33.15 -22.40 3.24
N PRO A 367 -32.91 -22.82 1.98
CA PRO A 367 -31.59 -23.28 1.54
C PRO A 367 -30.58 -22.14 1.42
N SER A 368 -29.36 -22.44 0.96
CA SER A 368 -28.29 -21.44 0.91
C SER A 368 -28.36 -20.59 -0.36
N GLY A 369 -28.92 -21.15 -1.42
CA GLY A 369 -29.10 -20.40 -2.66
C GLY A 369 -30.28 -19.46 -2.61
N SER A 370 -31.04 -19.54 -1.52
CA SER A 370 -32.30 -18.79 -1.40
C SER A 370 -32.09 -17.29 -1.58
N GLY A 371 -31.10 -16.75 -0.87
CA GLY A 371 -30.85 -15.32 -0.89
C GLY A 371 -31.47 -14.64 0.32
N LYS A 372 -31.35 -15.29 1.46
CA LYS A 372 -31.92 -14.76 2.69
C LYS A 372 -31.04 -13.67 3.30
N SER A 373 -29.70 -13.77 3.18
CA SER A 373 -28.79 -12.73 3.62
C SER A 373 -28.97 -11.49 2.74
N SER A 374 -29.36 -11.72 1.50
CA SER A 374 -29.62 -10.61 0.57
C SER A 374 -30.86 -9.85 1.00
N LEU A 375 -31.88 -10.59 1.45
CA LEU A 375 -33.09 -9.98 1.99
C LEU A 375 -32.75 -9.19 3.24
N VAL A 376 -31.77 -9.69 4.00
CA VAL A 376 -31.30 -8.99 5.19
C VAL A 376 -30.59 -7.71 4.78
N ARG A 377 -29.65 -7.82 3.84
CA ARG A 377 -28.84 -6.68 3.43
C ARG A 377 -29.66 -5.59 2.75
N THR A 378 -30.78 -5.96 2.14
CA THR A 378 -31.61 -4.98 1.42
C THR A 378 -32.62 -4.33 2.36
N ILE A 379 -33.04 -5.06 3.39
CA ILE A 379 -33.91 -4.50 4.41
C ILE A 379 -33.18 -3.41 5.19
N LEU A 380 -31.91 -3.67 5.50
CA LEU A 380 -31.07 -2.69 6.19
C LEU A 380 -30.80 -1.46 5.31
N GLY A 381 -30.45 -1.71 4.06
CA GLY A 381 -30.16 -0.64 3.11
C GLY A 381 -28.74 -0.69 2.59
N ILE A 382 -28.03 -1.78 2.89
CA ILE A 382 -26.67 -1.96 2.40
C ILE A 382 -26.71 -2.08 0.88
N TRP A 383 -27.60 -2.93 0.39
CA TRP A 383 -27.84 -3.06 -1.04
C TRP A 383 -29.09 -2.27 -1.43
N LEU A 384 -29.03 -1.59 -2.58
CA LEU A 384 -30.16 -0.83 -3.08
C LEU A 384 -30.98 -1.68 -4.06
N PRO A 385 -32.32 -1.63 -3.93
CA PRO A 385 -33.17 -2.36 -4.87
C PRO A 385 -33.30 -1.63 -6.20
N VAL A 386 -33.17 -2.37 -7.30
CA VAL A 386 -33.26 -1.76 -8.63
C VAL A 386 -34.71 -1.48 -8.99
N HIS A 387 -35.63 -2.25 -8.40
CA HIS A 387 -37.07 -2.00 -8.54
C HIS A 387 -37.73 -2.05 -7.17
N GLY A 388 -38.87 -1.37 -7.04
CA GLY A 388 -39.61 -1.35 -5.80
C GLY A 388 -39.01 -0.40 -4.78
N THR A 389 -39.49 -0.49 -3.54
CA THR A 389 -39.01 0.37 -2.47
C THR A 389 -38.99 -0.36 -1.13
N VAL A 390 -38.08 0.07 -0.26
CA VAL A 390 -37.99 -0.44 1.10
C VAL A 390 -38.48 0.64 2.08
N GLU A 391 -39.59 0.37 2.75
CA GLU A 391 -40.18 1.35 3.67
C GLU A 391 -40.01 0.92 5.13
N ILE A 392 -39.38 1.80 5.91
CA ILE A 392 -39.29 1.64 7.35
C ILE A 392 -40.26 2.61 8.02
N ASP A 393 -41.16 2.08 8.83
CA ASP A 393 -42.23 2.87 9.44
C ASP A 393 -43.07 3.57 8.38
N GLY A 394 -43.29 2.90 7.25
CA GLY A 394 -44.08 3.45 6.17
C GLY A 394 -43.28 4.42 5.31
N ALA A 395 -42.41 5.19 5.94
CA ALA A 395 -41.56 6.15 5.23
C ALA A 395 -40.55 5.41 4.36
N ASP A 396 -40.42 5.85 3.11
CA ASP A 396 -39.44 5.27 2.19
C ASP A 396 -38.04 5.43 2.74
N LEU A 397 -37.30 4.32 2.78
CA LEU A 397 -35.90 4.35 3.19
C LEU A 397 -35.10 5.16 2.19
N LYS A 398 -33.82 5.41 2.50
CA LYS A 398 -32.91 6.22 1.68
C LYS A 398 -33.15 7.71 1.96
N GLN A 399 -34.17 8.01 2.74
CA GLN A 399 -34.41 9.37 3.22
C GLN A 399 -33.89 9.52 4.64
N TRP A 400 -33.66 8.39 5.30
CA TRP A 400 -33.04 8.37 6.62
C TRP A 400 -31.55 8.69 6.52
N ASP A 401 -31.01 9.39 7.51
CA ASP A 401 -29.59 9.66 7.56
C ASP A 401 -28.85 8.40 8.02
N ARG A 402 -27.83 8.01 7.27
CA ARG A 402 -27.10 6.77 7.53
C ARG A 402 -26.42 6.75 8.89
N ASP A 403 -26.02 7.92 9.37
CA ASP A 403 -25.25 8.03 10.61
C ASP A 403 -26.14 7.98 11.85
N TYR A 404 -27.33 8.57 11.76
CA TYR A 404 -28.27 8.59 12.88
C TYR A 404 -29.10 7.32 12.94
N PHE A 405 -29.44 6.79 11.77
CA PHE A 405 -30.29 5.60 11.68
C PHE A 405 -29.62 4.37 12.28
N GLY A 406 -28.30 4.42 12.41
CA GLY A 406 -27.53 3.30 12.92
C GLY A 406 -27.72 3.05 14.41
N LYS A 407 -27.98 4.11 15.16
CA LYS A 407 -28.13 4.01 16.61
C LYS A 407 -29.43 3.31 17.01
N PHE A 408 -30.34 3.16 16.05
CA PHE A 408 -31.65 2.57 16.31
C PHE A 408 -31.78 1.16 15.77
N VAL A 409 -30.75 0.72 15.03
CA VAL A 409 -30.75 -0.63 14.46
C VAL A 409 -29.59 -1.47 15.00
N GLY A 410 -29.83 -2.78 15.06
CA GLY A 410 -28.81 -3.74 15.45
C GLY A 410 -28.55 -4.70 14.30
N TYR A 411 -27.29 -5.10 14.14
CA TYR A 411 -26.92 -6.00 13.06
C TYR A 411 -25.79 -6.94 13.47
N LEU A 412 -26.00 -8.23 13.23
CA LEU A 412 -24.96 -9.25 13.40
C LEU A 412 -24.86 -10.06 12.12
N PRO A 413 -23.92 -9.69 11.23
CA PRO A 413 -23.84 -10.34 9.91
C PRO A 413 -23.42 -11.81 9.97
N GLN A 414 -23.35 -12.44 8.81
CA GLN A 414 -22.94 -13.83 8.71
C GLN A 414 -21.44 -13.97 8.97
N ASP A 415 -20.69 -12.95 8.59
CA ASP A 415 -19.23 -12.95 8.74
C ASP A 415 -18.80 -12.13 9.96
N ILE A 416 -19.77 -11.74 10.78
CA ILE A 416 -19.50 -11.14 12.10
C ILE A 416 -18.88 -9.75 12.00
N GLU A 417 -17.69 -9.68 11.40
CA GLU A 417 -17.05 -8.39 11.10
C GLU A 417 -16.78 -7.53 12.35
N LEU A 418 -15.87 -7.98 13.21
CA LEU A 418 -15.40 -7.14 14.31
C LEU A 418 -14.23 -6.29 13.80
N PHE A 419 -13.87 -5.27 14.58
CA PHE A 419 -12.88 -4.29 14.14
C PHE A 419 -11.63 -4.29 15.02
N GLU A 420 -10.59 -3.61 14.53
CA GLU A 420 -9.38 -3.41 15.31
C GLU A 420 -9.65 -2.43 16.45
N GLY A 421 -9.50 -2.91 17.68
CA GLY A 421 -9.74 -2.09 18.86
C GLY A 421 -9.98 -2.95 20.07
N THR A 422 -10.43 -2.33 21.16
CA THR A 422 -10.73 -3.05 22.39
C THR A 422 -12.19 -3.53 22.35
N VAL A 423 -12.55 -4.40 23.28
CA VAL A 423 -13.88 -4.99 23.30
C VAL A 423 -14.97 -3.93 23.51
N ALA A 424 -14.71 -3.02 24.44
CA ALA A 424 -15.64 -1.95 24.77
C ALA A 424 -15.90 -1.04 23.56
N GLU A 425 -14.83 -0.70 22.85
CA GLU A 425 -14.92 0.13 21.65
C GLU A 425 -15.81 -0.52 20.61
N ASN A 426 -15.59 -1.81 20.37
CA ASN A 426 -16.36 -2.56 19.38
C ASN A 426 -17.85 -2.57 19.70
N ILE A 427 -18.19 -2.98 20.91
CA ILE A 427 -19.59 -3.06 21.34
C ILE A 427 -20.25 -1.69 21.25
N ALA A 428 -19.48 -0.64 21.53
CA ALA A 428 -19.99 0.73 21.49
C ALA A 428 -19.96 1.31 20.07
N ARG A 429 -19.72 0.45 19.08
CA ARG A 429 -19.57 0.89 17.70
C ARG A 429 -18.53 2.01 17.60
N PHE A 430 -17.53 1.94 18.47
CA PHE A 430 -16.47 2.93 18.53
C PHE A 430 -17.01 4.34 18.74
N GLY A 431 -18.15 4.44 19.41
CA GLY A 431 -18.67 5.71 19.87
C GLY A 431 -17.99 6.07 21.18
N GLU A 432 -18.60 6.98 21.93
CA GLU A 432 -18.10 7.31 23.27
C GLU A 432 -18.39 6.16 24.23
N LEU A 433 -17.36 5.72 24.95
CA LEU A 433 -17.48 4.55 25.80
C LEU A 433 -18.28 4.83 27.07
N ASP A 434 -19.53 4.40 27.06
CA ASP A 434 -20.42 4.56 28.19
C ASP A 434 -20.42 3.29 29.03
N SER A 435 -19.66 3.30 30.12
CA SER A 435 -19.48 2.13 30.98
C SER A 435 -20.80 1.48 31.40
N GLU A 436 -21.88 2.25 31.38
CA GLU A 436 -23.21 1.73 31.73
C GLU A 436 -23.84 1.03 30.53
N LYS A 437 -23.97 1.78 29.42
CA LYS A 437 -24.57 1.28 28.19
C LYS A 437 -23.91 -0.01 27.73
N ILE A 438 -22.60 -0.08 27.88
CA ILE A 438 -21.84 -1.24 27.42
C ILE A 438 -22.15 -2.49 28.24
N ILE A 439 -22.25 -2.34 29.56
CA ILE A 439 -22.49 -3.48 30.43
C ILE A 439 -23.83 -4.16 30.11
N GLU A 440 -24.90 -3.36 30.03
CA GLU A 440 -26.22 -3.91 29.79
C GLU A 440 -26.31 -4.55 28.40
N ALA A 441 -25.56 -4.00 27.45
CA ALA A 441 -25.49 -4.58 26.12
C ALA A 441 -24.85 -5.96 26.18
N ALA A 442 -23.83 -6.09 27.02
CA ALA A 442 -23.12 -7.36 27.21
C ALA A 442 -23.90 -8.28 28.14
N LYS A 443 -24.70 -7.70 29.03
CA LYS A 443 -25.53 -8.48 29.93
C LYS A 443 -26.72 -9.06 29.19
N LEU A 444 -27.23 -8.32 28.21
CA LEU A 444 -28.37 -8.77 27.43
C LEU A 444 -27.93 -9.84 26.43
N SER A 445 -26.88 -9.54 25.67
CA SER A 445 -26.35 -10.46 24.69
C SER A 445 -25.73 -11.69 25.35
N GLY A 446 -25.48 -11.59 26.65
CA GLY A 446 -24.83 -12.65 27.39
C GLY A 446 -23.33 -12.65 27.16
N ALA A 447 -22.87 -11.71 26.35
CA ALA A 447 -21.44 -11.61 26.01
C ALA A 447 -20.60 -11.31 27.23
N HIS A 448 -21.23 -10.81 28.28
CA HIS A 448 -20.53 -10.41 29.48
C HIS A 448 -19.69 -11.53 30.08
N ASP A 449 -20.25 -12.73 30.16
CA ASP A 449 -19.55 -13.85 30.80
C ASP A 449 -18.36 -14.34 29.98
N VAL A 450 -18.31 -13.98 28.71
CA VAL A 450 -17.16 -14.30 27.87
C VAL A 450 -16.10 -13.23 28.01
N ILE A 451 -16.54 -11.97 27.99
CA ILE A 451 -15.65 -10.82 28.06
C ILE A 451 -14.88 -10.79 29.37
N ILE A 452 -15.43 -11.40 30.42
CA ILE A 452 -14.73 -11.51 31.69
C ILE A 452 -13.46 -12.34 31.57
N LYS A 453 -13.56 -13.50 30.93
CA LYS A 453 -12.45 -14.43 30.83
C LYS A 453 -11.24 -13.87 30.08
N LEU A 454 -11.47 -12.91 29.20
CA LEU A 454 -10.38 -12.35 28.40
C LEU A 454 -9.28 -11.80 29.28
N PRO A 455 -8.02 -11.96 28.86
CA PRO A 455 -6.96 -11.29 29.63
C PRO A 455 -7.16 -9.78 29.54
N ASP A 456 -7.51 -9.17 30.67
CA ASP A 456 -7.94 -7.78 30.72
C ASP A 456 -9.31 -7.64 30.06
N GLY A 457 -10.33 -8.22 30.70
CA GLY A 457 -11.68 -8.19 30.17
C GLY A 457 -12.13 -6.79 29.83
N TYR A 458 -12.99 -6.66 28.82
CA TYR A 458 -13.50 -5.37 28.33
C TYR A 458 -12.41 -4.44 27.79
N ASP A 459 -11.20 -4.54 28.34
CA ASP A 459 -10.06 -3.73 27.89
C ASP A 459 -9.12 -4.56 27.03
N THR A 460 -9.50 -5.81 26.73
CA THR A 460 -8.67 -6.69 25.91
C THR A 460 -8.61 -6.18 24.48
N TYR A 461 -7.40 -6.14 23.93
CA TYR A 461 -7.21 -5.67 22.57
C TYR A 461 -7.58 -6.75 21.55
N ILE A 462 -8.46 -6.40 20.63
CA ILE A 462 -8.86 -7.30 19.55
C ILE A 462 -8.15 -6.92 18.26
N GLY A 463 -7.47 -7.88 17.65
CA GLY A 463 -6.73 -7.62 16.42
C GLY A 463 -7.68 -7.35 15.26
N PRO A 464 -7.14 -6.92 14.11
CA PRO A 464 -7.95 -6.59 12.94
C PRO A 464 -8.89 -7.73 12.52
N GLY A 465 -10.18 -7.44 12.39
CA GLY A 465 -11.16 -8.45 12.02
C GLY A 465 -11.60 -9.31 13.19
N GLY A 466 -10.72 -9.48 14.17
CA GLY A 466 -11.00 -10.29 15.34
C GLY A 466 -10.11 -11.52 15.42
N ILE A 467 -9.02 -11.49 14.66
CA ILE A 467 -8.10 -12.62 14.57
C ILE A 467 -7.64 -13.12 15.94
N THR A 468 -7.54 -12.20 16.90
CA THR A 468 -7.05 -12.55 18.24
C THR A 468 -8.11 -13.23 19.10
N LEU A 469 -9.30 -13.41 18.54
CA LEU A 469 -10.41 -14.01 19.27
C LEU A 469 -10.99 -15.24 18.57
N SER A 470 -11.49 -16.16 19.38
CA SER A 470 -12.25 -17.29 18.87
C SER A 470 -13.50 -16.81 18.14
N GLY A 471 -13.84 -17.48 17.05
CA GLY A 471 -15.01 -17.12 16.26
C GLY A 471 -16.28 -17.17 17.09
N GLY A 472 -16.33 -18.12 18.02
CA GLY A 472 -17.48 -18.24 18.90
C GLY A 472 -17.54 -17.06 19.85
N GLN A 473 -16.39 -16.69 20.39
CA GLN A 473 -16.26 -15.52 21.25
C GLN A 473 -16.60 -14.25 20.48
N ARG A 474 -16.08 -14.16 19.26
CA ARG A 474 -16.31 -13.01 18.40
C ARG A 474 -17.79 -12.75 18.18
N GLN A 475 -18.54 -13.82 18.01
CA GLN A 475 -19.96 -13.68 17.71
C GLN A 475 -20.73 -13.20 18.94
N ARG A 476 -20.34 -13.67 20.12
CA ARG A 476 -20.91 -13.19 21.36
C ARG A 476 -20.71 -11.68 21.46
N ILE A 477 -19.47 -11.23 21.27
CA ILE A 477 -19.16 -9.81 21.28
C ILE A 477 -19.85 -9.09 20.13
N ALA A 478 -20.00 -9.79 19.01
CA ALA A 478 -20.66 -9.20 17.86
C ALA A 478 -22.15 -9.02 18.11
N LEU A 479 -22.69 -9.83 19.03
CA LEU A 479 -24.09 -9.72 19.41
C LEU A 479 -24.32 -8.51 20.30
N ALA A 480 -23.45 -8.34 21.30
CA ALA A 480 -23.51 -7.20 22.20
C ALA A 480 -23.55 -5.90 21.42
N ARG A 481 -22.71 -5.83 20.39
CA ARG A 481 -22.65 -4.66 19.51
C ARG A 481 -23.98 -4.44 18.81
N ALA A 482 -24.66 -5.54 18.46
CA ALA A 482 -25.93 -5.44 17.77
C ALA A 482 -27.00 -4.91 18.72
N LEU A 483 -26.95 -5.36 19.97
CA LEU A 483 -27.96 -4.97 20.95
C LEU A 483 -27.52 -3.76 21.78
N TYR A 484 -26.50 -3.06 21.30
CA TYR A 484 -26.01 -1.86 21.98
C TYR A 484 -26.97 -0.69 21.78
N GLY A 485 -27.30 -0.02 22.87
CA GLY A 485 -28.16 1.16 22.82
C GLY A 485 -29.64 0.85 22.59
N ASN A 486 -30.02 -0.41 22.80
CA ASN A 486 -31.40 -0.86 22.63
C ASN A 486 -32.01 -0.39 21.31
N PRO A 487 -31.66 -1.05 20.21
CA PRO A 487 -32.17 -0.68 18.89
C PRO A 487 -33.63 -1.06 18.68
N ARG A 488 -34.32 -0.35 17.81
CA ARG A 488 -35.72 -0.64 17.53
C ARG A 488 -35.83 -1.82 16.57
N ILE A 489 -34.87 -1.95 15.65
CA ILE A 489 -34.83 -3.09 14.74
C ILE A 489 -33.56 -3.90 14.98
N VAL A 490 -33.72 -5.22 14.97
CA VAL A 490 -32.59 -6.14 15.15
C VAL A 490 -32.61 -7.21 14.06
N ILE A 491 -31.51 -7.29 13.32
CA ILE A 491 -31.36 -8.27 12.26
C ILE A 491 -30.15 -9.16 12.51
N LEU A 492 -30.39 -10.35 13.04
CA LEU A 492 -29.34 -11.32 13.32
C LEU A 492 -29.24 -12.32 12.18
N ASP A 493 -28.12 -12.29 11.46
CA ASP A 493 -27.91 -13.17 10.32
C ASP A 493 -27.05 -14.38 10.71
N GLU A 494 -27.72 -15.47 11.07
CA GLU A 494 -27.04 -16.70 11.47
C GLU A 494 -26.06 -16.45 12.62
N PRO A 495 -26.59 -16.02 13.78
CA PRO A 495 -25.82 -15.74 14.99
C PRO A 495 -25.42 -16.98 15.78
N ASP A 496 -25.72 -18.17 15.27
CA ASP A 496 -25.47 -19.42 16.01
C ASP A 496 -24.30 -20.20 15.39
N SER A 497 -23.87 -19.77 14.22
CA SER A 497 -22.68 -20.32 13.61
C SER A 497 -21.49 -20.03 14.49
N ASN A 498 -20.77 -21.09 14.87
CA ASN A 498 -19.58 -21.05 15.72
C ASN A 498 -19.90 -21.00 17.21
N LEU A 499 -21.15 -20.70 17.57
CA LEU A 499 -21.53 -20.67 18.98
C LEU A 499 -21.51 -22.07 19.60
N ASP A 500 -21.21 -22.13 20.89
CA ASP A 500 -21.28 -23.36 21.67
C ASP A 500 -22.61 -23.42 22.41
N GLU A 501 -22.76 -24.40 23.30
CA GLU A 501 -23.97 -24.57 24.09
C GLU A 501 -24.30 -23.31 24.88
N GLN A 502 -23.31 -22.79 25.59
CA GLN A 502 -23.51 -21.61 26.41
C GLN A 502 -23.85 -20.39 25.54
N GLY A 503 -23.05 -20.17 24.51
CA GLY A 503 -23.26 -19.06 23.60
C GLY A 503 -24.65 -19.05 23.00
N GLU A 504 -25.17 -20.24 22.71
CA GLU A 504 -26.50 -20.36 22.16
C GLU A 504 -27.54 -20.03 23.22
N GLN A 505 -27.32 -20.51 24.44
CA GLN A 505 -28.22 -20.21 25.55
C GLN A 505 -28.29 -18.70 25.76
N ALA A 506 -27.16 -18.04 25.57
CA ALA A 506 -27.08 -16.59 25.71
C ALA A 506 -27.91 -15.89 24.64
N LEU A 507 -27.75 -16.34 23.39
CA LEU A 507 -28.52 -15.80 22.28
C LEU A 507 -30.00 -16.03 22.49
N TYR A 508 -30.34 -17.20 23.01
CA TYR A 508 -31.74 -17.55 23.25
C TYR A 508 -32.35 -16.59 24.26
N ASN A 509 -31.63 -16.35 25.35
CA ASN A 509 -32.10 -15.45 26.39
C ASN A 509 -32.29 -14.03 25.85
N ALA A 510 -31.34 -13.58 25.03
CA ALA A 510 -31.41 -12.23 24.46
C ALA A 510 -32.69 -12.07 23.62
N LEU A 511 -33.00 -13.09 22.83
CA LEU A 511 -34.19 -13.06 21.99
C LEU A 511 -35.47 -12.98 22.83
N ILE A 512 -35.54 -13.79 23.89
CA ILE A 512 -36.68 -13.79 24.80
C ILE A 512 -36.90 -12.39 25.37
N GLU A 513 -35.87 -11.85 26.02
CA GLU A 513 -35.95 -10.52 26.60
C GLU A 513 -36.29 -9.50 25.54
N LEU A 514 -35.68 -9.62 24.37
CA LEU A 514 -35.94 -8.71 23.26
C LEU A 514 -37.40 -8.75 22.81
N LYS A 515 -38.03 -9.92 22.90
CA LYS A 515 -39.41 -10.05 22.48
C LYS A 515 -40.36 -9.39 23.48
N LYS A 516 -39.99 -9.46 24.76
CA LYS A 516 -40.78 -8.83 25.80
C LYS A 516 -40.60 -7.31 25.78
N ARG A 517 -39.47 -6.85 25.24
CA ARG A 517 -39.26 -5.42 25.04
C ARG A 517 -39.98 -4.92 23.79
N LYS A 518 -40.62 -5.85 23.07
CA LYS A 518 -41.34 -5.53 21.84
C LYS A 518 -40.43 -4.90 20.78
N VAL A 519 -39.33 -5.59 20.50
CA VAL A 519 -38.38 -5.16 19.46
C VAL A 519 -38.59 -5.98 18.20
N THR A 520 -38.94 -5.31 17.11
CA THR A 520 -39.09 -6.00 15.83
C THR A 520 -37.76 -6.65 15.44
N THR A 521 -37.76 -7.98 15.39
CA THR A 521 -36.53 -8.73 15.16
C THR A 521 -36.66 -9.67 13.97
N ILE A 522 -35.57 -9.80 13.22
CA ILE A 522 -35.48 -10.78 12.16
C ILE A 522 -34.25 -11.64 12.40
N ILE A 523 -34.47 -12.96 12.53
CA ILE A 523 -33.39 -13.89 12.77
C ILE A 523 -33.29 -14.85 11.59
N VAL A 524 -32.15 -14.84 10.91
CA VAL A 524 -31.87 -15.84 9.90
C VAL A 524 -31.29 -17.06 10.59
N SER A 525 -32.16 -18.02 10.91
CA SER A 525 -31.74 -19.20 11.64
C SER A 525 -32.75 -20.33 11.44
N HIS A 526 -32.25 -21.56 11.45
CA HIS A 526 -33.10 -22.73 11.29
C HIS A 526 -33.10 -23.58 12.56
N ARG A 527 -32.41 -23.10 13.59
CA ARG A 527 -32.36 -23.82 14.87
C ARG A 527 -33.75 -23.81 15.49
N ILE A 528 -34.28 -25.00 15.77
CA ILE A 528 -35.68 -25.16 16.14
C ILE A 528 -36.03 -24.65 17.54
N ARG A 529 -35.07 -24.64 18.45
CA ARG A 529 -35.32 -24.19 19.81
C ARG A 529 -35.87 -22.77 19.86
N LEU A 530 -35.45 -21.93 18.94
CA LEU A 530 -35.90 -20.54 18.89
C LEU A 530 -37.02 -20.32 17.88
N LEU A 531 -37.39 -21.37 17.13
CA LEU A 531 -38.42 -21.24 16.12
C LEU A 531 -39.82 -21.07 16.72
N ASN A 532 -39.96 -21.38 18.01
CA ASN A 532 -41.26 -21.30 18.67
C ASN A 532 -41.68 -19.87 18.97
N LEU A 533 -40.70 -19.02 19.30
CA LEU A 533 -40.97 -17.63 19.66
C LEU A 533 -40.89 -16.72 18.44
N VAL A 534 -41.14 -17.27 17.27
CA VAL A 534 -40.92 -16.55 16.01
C VAL A 534 -42.15 -15.78 15.50
N ASP A 535 -43.34 -16.21 15.87
CA ASP A 535 -44.59 -15.61 15.38
C ASP A 535 -44.78 -15.80 13.87
N LYS A 536 -43.81 -15.36 13.08
CA LYS A 536 -43.88 -15.41 11.61
C LYS A 536 -42.60 -15.96 10.98
N ILE A 537 -42.74 -17.00 10.17
CA ILE A 537 -41.61 -17.57 9.43
C ILE A 537 -41.65 -17.11 7.98
N ALA A 538 -40.48 -16.84 7.41
CA ALA A 538 -40.35 -16.52 6.00
C ALA A 538 -39.48 -17.55 5.30
N ILE A 539 -40.03 -18.18 4.27
CA ILE A 539 -39.29 -19.17 3.50
C ILE A 539 -38.83 -18.56 2.18
N MET A 540 -37.53 -18.70 1.89
CA MET A 540 -36.96 -18.22 0.65
C MET A 540 -36.58 -19.39 -0.26
N GLN A 541 -36.61 -19.17 -1.57
CA GLN A 541 -36.17 -20.18 -2.53
C GLN A 541 -35.94 -19.57 -3.90
N ASP A 542 -34.72 -19.73 -4.41
CA ASP A 542 -34.35 -19.24 -5.74
C ASP A 542 -34.58 -17.73 -5.87
N GLY A 543 -34.20 -16.98 -4.82
CA GLY A 543 -34.27 -15.53 -4.86
C GLY A 543 -35.69 -14.98 -4.82
N THR A 544 -36.63 -15.81 -4.40
CA THR A 544 -38.03 -15.39 -4.31
C THR A 544 -38.59 -15.79 -2.95
N LEU A 545 -39.51 -14.97 -2.43
CA LEU A 545 -40.14 -15.25 -1.16
C LEU A 545 -41.24 -16.30 -1.33
N LYS A 546 -40.89 -17.56 -1.06
CA LYS A 546 -41.80 -18.68 -1.32
C LYS A 546 -43.00 -18.67 -0.37
N ALA A 547 -42.76 -18.34 0.89
CA ALA A 547 -43.83 -18.34 1.89
C ALA A 547 -43.52 -17.38 3.03
N PHE A 548 -44.56 -16.73 3.55
CA PHE A 548 -44.41 -15.85 4.69
C PHE A 548 -45.74 -15.70 5.42
N GLY A 549 -45.85 -16.38 6.56
CA GLY A 549 -47.06 -16.33 7.36
C GLY A 549 -46.76 -16.68 8.81
N LYS A 550 -47.81 -16.91 9.58
CA LYS A 550 -47.67 -17.25 10.99
C LYS A 550 -46.83 -18.52 11.14
N ALA A 551 -45.97 -18.53 12.16
CA ALA A 551 -45.00 -19.61 12.37
C ALA A 551 -45.69 -20.96 12.49
N ASP A 552 -46.76 -20.99 13.28
CA ASP A 552 -47.50 -22.23 13.49
C ASP A 552 -48.09 -22.76 12.19
N ILE A 553 -48.38 -21.87 11.25
CA ILE A 553 -48.95 -22.26 9.97
C ILE A 553 -47.87 -22.78 9.02
N ILE A 554 -46.71 -22.15 9.04
CA ILE A 554 -45.61 -22.58 8.19
C ILE A 554 -45.14 -23.97 8.60
N ILE A 555 -44.99 -24.18 9.90
CA ILE A 555 -44.51 -25.45 10.43
C ILE A 555 -45.46 -26.60 10.09
N GLN A 556 -46.75 -26.29 9.94
CA GLN A 556 -47.71 -27.26 9.42
C GLN A 556 -47.28 -27.68 8.02
N LYS A 557 -47.14 -26.69 7.14
CA LYS A 557 -46.80 -26.91 5.74
C LYS A 557 -45.46 -27.62 5.57
N LEU A 558 -44.61 -27.54 6.59
CA LEU A 558 -43.29 -28.18 6.54
C LEU A 558 -43.35 -29.63 7.03
N LEU A 559 -44.55 -30.15 7.21
CA LEU A 559 -44.74 -31.57 7.53
C LEU A 559 -46.12 -32.03 7.06
N LEU B 11 22.08 -9.18 5.88
CA LEU B 11 21.33 -10.26 5.26
C LEU B 11 20.84 -9.84 3.88
N ARG B 12 20.16 -8.71 3.83
CA ARG B 12 19.73 -8.14 2.56
C ARG B 12 20.95 -7.65 1.80
N SER B 13 21.97 -7.21 2.53
CA SER B 13 23.18 -6.67 1.92
C SER B 13 24.01 -7.77 1.25
N TYR B 14 23.96 -8.98 1.81
CA TYR B 14 24.72 -10.09 1.25
C TYR B 14 24.26 -10.42 -0.17
N LEU B 15 23.05 -10.00 -0.51
CA LEU B 15 22.52 -10.16 -1.86
C LEU B 15 22.97 -9.00 -2.75
N ALA B 16 23.19 -7.84 -2.14
CA ALA B 16 23.75 -6.69 -2.85
C ALA B 16 25.26 -6.84 -2.99
N LYS B 17 25.88 -7.43 -1.97
CA LYS B 17 27.31 -7.67 -1.95
C LYS B 17 27.70 -8.74 -2.98
N TYR B 18 26.72 -9.53 -3.38
CA TYR B 18 26.91 -10.54 -4.42
C TYR B 18 27.51 -9.89 -5.66
N LYS B 19 27.00 -8.72 -6.00
CA LYS B 19 27.48 -7.98 -7.16
C LYS B 19 28.80 -7.27 -6.86
N LYS B 20 29.75 -7.39 -7.77
CA LYS B 20 31.03 -6.69 -7.69
C LYS B 20 31.16 -5.69 -8.82
N THR B 21 30.06 -5.48 -9.54
CA THR B 21 30.03 -4.53 -10.64
C THR B 21 30.22 -3.10 -10.15
N LEU B 22 30.08 -2.90 -8.84
CA LEU B 22 30.24 -1.56 -8.25
C LEU B 22 31.65 -1.03 -8.48
N ILE B 23 32.60 -1.93 -8.75
CA ILE B 23 33.95 -1.53 -9.09
C ILE B 23 33.96 -1.04 -10.55
N ILE B 24 33.09 -1.62 -11.38
CA ILE B 24 32.92 -1.15 -12.74
C ILE B 24 32.20 0.20 -12.71
N VAL B 25 31.30 0.36 -11.75
CA VAL B 25 30.68 1.65 -11.49
C VAL B 25 31.77 2.61 -11.05
N GLY B 26 32.76 2.08 -10.36
CA GLY B 26 33.89 2.86 -9.89
C GLY B 26 34.73 3.39 -11.03
N LEU B 27 35.19 2.49 -11.89
CA LEU B 27 36.05 2.85 -13.02
C LEU B 27 35.34 3.81 -13.98
N PHE B 28 34.04 3.61 -14.15
CA PHE B 28 33.26 4.45 -15.06
C PHE B 28 32.98 5.81 -14.43
N SER B 29 32.53 5.81 -13.18
CA SER B 29 32.28 7.06 -12.47
C SER B 29 33.56 7.87 -12.34
N LEU B 30 34.70 7.19 -12.31
CA LEU B 30 35.99 7.86 -12.28
C LEU B 30 36.21 8.65 -13.57
N PHE B 31 35.97 7.99 -14.69
CA PHE B 31 36.16 8.62 -16.00
C PHE B 31 35.19 9.78 -16.19
N ILE B 32 34.01 9.69 -15.58
CA ILE B 32 33.03 10.75 -15.65
C ILE B 32 33.57 12.02 -15.01
N ASN B 33 34.23 11.85 -13.85
CA ASN B 33 34.80 12.98 -13.12
C ASN B 33 35.93 13.63 -13.89
N ILE B 34 36.63 12.83 -14.71
CA ILE B 34 37.67 13.35 -15.58
C ILE B 34 37.05 14.09 -16.75
N LEU B 35 35.96 13.55 -17.28
CA LEU B 35 35.28 14.13 -18.42
C LEU B 35 34.49 15.39 -18.04
N PHE B 36 34.17 15.53 -16.76
CA PHE B 36 33.46 16.70 -16.27
C PHE B 36 34.41 17.89 -16.05
N LEU B 37 35.67 17.73 -16.44
CA LEU B 37 36.65 18.81 -16.36
C LEU B 37 36.62 19.66 -17.62
N LEU B 38 36.04 19.11 -18.69
CA LEU B 38 36.05 19.77 -19.99
C LEU B 38 35.26 21.08 -20.04
N PRO B 39 34.10 21.14 -19.38
CA PRO B 39 33.34 22.40 -19.37
C PRO B 39 34.16 23.60 -18.90
N SER B 40 35.09 23.37 -17.98
CA SER B 40 35.94 24.42 -17.45
C SER B 40 37.28 24.47 -18.20
N ILE B 41 37.75 23.32 -18.66
CA ILE B 41 38.98 23.27 -19.45
C ILE B 41 38.75 23.89 -20.82
N TYR B 42 37.58 23.62 -21.41
CA TYR B 42 37.21 24.25 -22.67
C TYR B 42 37.08 25.75 -22.46
N MET B 43 36.65 26.14 -21.28
CA MET B 43 36.57 27.55 -20.90
C MET B 43 37.97 28.16 -20.89
N LEU B 44 38.94 27.40 -20.41
CA LEU B 44 40.33 27.83 -20.41
C LEU B 44 40.87 27.89 -21.83
N ALA B 45 40.53 26.88 -22.62
CA ALA B 45 41.00 26.79 -24.00
C ALA B 45 40.57 28.00 -24.82
N VAL B 46 39.48 28.64 -24.40
CA VAL B 46 39.02 29.86 -25.07
C VAL B 46 40.01 31.01 -24.86
N TYR B 47 40.42 31.22 -23.61
CA TYR B 47 41.35 32.31 -23.29
C TYR B 47 42.74 32.09 -23.88
N ASP B 48 43.02 30.87 -24.34
CA ASP B 48 44.29 30.56 -24.99
C ASP B 48 44.16 30.69 -26.51
N ILE B 49 42.94 30.88 -26.98
CA ILE B 49 42.73 31.32 -28.35
C ILE B 49 43.00 32.82 -28.42
N VAL B 50 42.61 33.52 -27.36
CA VAL B 50 42.67 34.99 -27.32
C VAL B 50 44.09 35.56 -27.22
N VAL B 51 44.91 35.03 -26.33
CA VAL B 51 46.26 35.57 -26.13
C VAL B 51 47.05 35.60 -27.46
N PRO B 52 47.09 34.48 -28.20
CA PRO B 52 47.73 34.51 -29.52
C PRO B 52 46.77 35.02 -30.60
N SER B 53 45.50 35.15 -30.26
CA SER B 53 44.43 35.33 -31.24
C SER B 53 44.57 34.21 -32.26
N THR B 54 44.86 33.00 -31.77
CA THR B 54 45.13 31.88 -32.65
C THR B 54 43.95 31.76 -33.58
N SER B 55 44.27 31.57 -34.85
CA SER B 55 43.30 31.63 -35.93
C SER B 55 42.02 30.87 -35.59
N VAL B 56 40.90 31.35 -36.13
CA VAL B 56 39.59 30.77 -35.86
C VAL B 56 39.36 29.33 -36.38
N PRO B 57 40.12 28.86 -37.40
CA PRO B 57 39.85 27.44 -37.67
C PRO B 57 40.24 26.56 -36.49
N THR B 58 41.24 26.97 -35.73
CA THR B 58 41.63 26.28 -34.51
C THR B 58 40.55 26.43 -33.44
N LEU B 59 39.81 27.53 -33.50
CA LEU B 59 38.74 27.77 -32.54
C LEU B 59 37.66 26.71 -32.72
N LEU B 60 37.36 26.39 -33.97
CA LEU B 60 36.37 25.38 -34.27
C LEU B 60 36.95 23.97 -34.09
N VAL B 61 38.28 23.88 -33.98
CA VAL B 61 38.95 22.61 -33.74
C VAL B 61 38.76 22.16 -32.29
N ILE B 62 39.12 23.02 -31.35
CA ILE B 62 38.95 22.69 -29.94
C ILE B 62 37.46 22.55 -29.61
N THR B 63 36.63 23.29 -30.32
CA THR B 63 35.18 23.12 -30.22
C THR B 63 34.80 21.72 -30.72
N ALA B 64 35.36 21.34 -31.86
CA ALA B 64 35.10 20.02 -32.44
C ALA B 64 35.59 18.93 -31.49
N LEU B 65 36.69 19.21 -30.77
CA LEU B 65 37.19 18.28 -29.77
C LEU B 65 36.20 18.18 -28.62
N ALA B 66 35.68 19.31 -28.19
CA ALA B 66 34.76 19.37 -27.05
C ALA B 66 33.47 18.61 -27.34
N VAL B 67 32.90 18.82 -28.52
CA VAL B 67 31.65 18.18 -28.91
C VAL B 67 31.81 16.66 -28.93
N VAL B 68 32.82 16.17 -29.64
CA VAL B 68 33.07 14.74 -29.74
C VAL B 68 33.37 14.14 -28.36
N LEU B 69 33.96 14.94 -27.48
CA LEU B 69 34.25 14.50 -26.12
C LEU B 69 32.98 14.42 -25.28
N TYR B 70 32.03 15.31 -25.54
CA TYR B 70 30.76 15.31 -24.84
C TYR B 70 29.87 14.16 -25.30
N PHE B 71 29.94 13.85 -26.59
CA PHE B 71 29.20 12.70 -27.13
C PHE B 71 29.72 11.40 -26.52
N ALA B 72 30.92 11.44 -25.97
CA ALA B 72 31.48 10.32 -25.24
C ALA B 72 31.16 10.45 -23.76
N LEU B 73 30.99 11.68 -23.30
CA LEU B 73 30.60 11.96 -21.92
C LEU B 73 29.21 11.39 -21.67
N GLY B 74 28.29 11.69 -22.58
CA GLY B 74 26.92 11.20 -22.49
C GLY B 74 26.84 9.69 -22.50
N LEU B 75 27.68 9.04 -23.30
CA LEU B 75 27.66 7.60 -23.43
C LEU B 75 28.14 6.91 -22.15
N LEU B 76 29.34 7.25 -21.70
CA LEU B 76 29.91 6.66 -20.50
C LEU B 76 29.09 6.98 -19.26
N GLN B 77 28.17 7.93 -19.41
CA GLN B 77 27.29 8.32 -18.32
C GLN B 77 25.91 7.68 -18.48
N SER B 78 25.53 7.35 -19.72
CA SER B 78 24.25 6.69 -19.99
C SER B 78 24.38 5.18 -19.85
N VAL B 79 25.61 4.68 -19.89
CA VAL B 79 25.85 3.26 -19.65
C VAL B 79 25.60 2.95 -18.19
N ARG B 80 25.98 3.89 -17.32
CA ARG B 80 25.68 3.77 -15.90
C ARG B 80 24.18 3.60 -15.71
N ALA B 81 23.41 4.37 -16.48
CA ALA B 81 21.96 4.29 -16.43
C ALA B 81 21.48 2.97 -17.02
N LYS B 82 22.21 2.46 -17.99
CA LYS B 82 21.89 1.17 -18.60
C LYS B 82 22.28 0.03 -17.65
N VAL B 83 23.31 0.24 -16.84
CA VAL B 83 23.77 -0.78 -15.92
C VAL B 83 22.95 -0.81 -14.64
N MET B 84 22.88 0.33 -13.95
CA MET B 84 22.10 0.43 -12.72
C MET B 84 20.66 -0.02 -12.95
N GLN B 85 20.15 0.25 -14.15
CA GLN B 85 18.84 -0.23 -14.55
C GLN B 85 18.83 -1.76 -14.55
N ILE B 86 19.90 -2.35 -15.08
CA ILE B 86 20.01 -3.80 -15.16
C ILE B 86 20.28 -4.40 -13.79
N ILE B 87 21.00 -3.67 -12.94
CA ILE B 87 21.29 -4.14 -11.59
C ILE B 87 20.00 -4.29 -10.78
N SER B 88 19.03 -3.43 -11.03
CA SER B 88 17.78 -3.44 -10.29
C SER B 88 16.93 -4.65 -10.67
N LEU B 89 17.09 -5.14 -11.89
CA LEU B 89 16.30 -6.26 -12.38
C LEU B 89 16.81 -7.60 -11.85
N LYS B 90 18.12 -7.80 -11.93
CA LYS B 90 18.71 -9.04 -11.43
C LYS B 90 18.66 -9.09 -9.91
N LEU B 91 18.40 -7.94 -9.29
CA LEU B 91 18.18 -7.86 -7.85
C LEU B 91 16.75 -8.25 -7.54
N ASP B 92 15.83 -7.77 -8.37
CA ASP B 92 14.41 -8.12 -8.24
C ASP B 92 14.19 -9.62 -8.38
N SER B 93 14.63 -10.18 -9.51
CA SER B 93 14.42 -11.59 -9.80
C SER B 93 15.05 -12.52 -8.77
N GLU B 94 16.03 -12.01 -8.01
CA GLU B 94 16.64 -12.78 -6.94
C GLU B 94 15.84 -12.69 -5.65
N LEU B 95 15.15 -11.57 -5.47
CA LEU B 95 14.37 -11.33 -4.26
C LEU B 95 12.87 -11.44 -4.48
N ASN B 96 12.44 -11.39 -5.74
CA ASN B 96 11.03 -11.31 -6.07
C ASN B 96 10.19 -12.42 -5.43
N LYS B 97 10.47 -13.67 -5.80
CA LYS B 97 9.69 -14.79 -5.29
C LYS B 97 9.85 -14.93 -3.78
N GLU B 98 11.04 -14.64 -3.28
CA GLU B 98 11.34 -14.77 -1.85
C GLU B 98 10.42 -13.91 -1.00
N VAL B 99 10.12 -12.70 -1.47
CA VAL B 99 9.25 -11.80 -0.73
C VAL B 99 7.81 -12.29 -0.75
N PHE B 100 7.36 -12.79 -1.91
CA PHE B 100 5.99 -13.23 -2.06
C PHE B 100 5.68 -14.48 -1.24
N THR B 101 6.51 -15.50 -1.37
CA THR B 101 6.29 -16.78 -0.70
C THR B 101 6.41 -16.67 0.82
N SER B 102 7.24 -15.75 1.28
CA SER B 102 7.49 -15.59 2.71
C SER B 102 6.42 -14.74 3.39
N SER B 103 5.70 -13.95 2.59
CA SER B 103 4.67 -13.06 3.13
C SER B 103 3.58 -13.83 3.86
N PHE B 104 3.28 -15.02 3.37
CA PHE B 104 2.25 -15.87 3.98
C PHE B 104 2.73 -16.45 5.30
N GLU B 105 3.99 -16.89 5.32
CA GLU B 105 4.63 -17.33 6.55
C GLU B 105 4.72 -16.16 7.52
N TYR B 106 5.12 -15.01 6.99
CA TYR B 106 5.30 -13.81 7.78
C TYR B 106 3.97 -13.31 8.37
N ALA B 107 2.91 -13.35 7.57
CA ALA B 107 1.60 -12.83 7.98
C ALA B 107 0.96 -13.69 9.06
N ILE B 108 1.43 -14.92 9.21
CA ILE B 108 0.93 -15.82 10.25
C ILE B 108 1.68 -15.58 11.56
N ARG B 109 2.97 -15.24 11.43
CA ARG B 109 3.79 -14.94 12.60
C ARG B 109 3.60 -13.49 13.01
N ASN B 110 3.40 -12.62 12.01
CA ASN B 110 3.21 -11.19 12.22
C ASN B 110 1.90 -10.69 11.62
N PRO B 111 0.76 -11.15 12.15
CA PRO B 111 -0.55 -10.75 11.64
C PRO B 111 -0.81 -9.25 11.81
N SER B 112 -0.14 -8.63 12.77
CA SER B 112 -0.27 -7.20 13.00
C SER B 112 0.36 -6.40 11.87
N LYS B 113 1.53 -6.86 11.41
CA LYS B 113 2.24 -6.21 10.33
C LYS B 113 2.05 -6.95 9.01
N ALA B 114 0.99 -7.75 8.94
CA ALA B 114 0.68 -8.53 7.75
C ALA B 114 0.12 -7.65 6.65
N SER B 115 0.90 -7.47 5.59
CA SER B 115 0.47 -6.65 4.46
C SER B 115 1.33 -6.93 3.24
N ALA B 116 1.01 -6.27 2.13
CA ALA B 116 1.78 -6.39 0.90
C ALA B 116 2.93 -5.37 0.89
N GLN B 117 3.15 -4.74 2.04
CA GLN B 117 4.20 -3.73 2.17
C GLN B 117 5.58 -4.19 1.70
N PRO B 118 5.99 -5.43 2.08
CA PRO B 118 7.35 -5.83 1.67
C PRO B 118 7.56 -5.86 0.16
N ILE B 119 6.48 -5.94 -0.61
CA ILE B 119 6.57 -5.83 -2.06
C ILE B 119 6.73 -4.36 -2.47
N ASN B 120 6.10 -3.47 -1.72
CA ASN B 120 6.19 -2.04 -1.99
C ASN B 120 7.59 -1.50 -1.67
N ASP B 121 8.21 -2.04 -0.62
CA ASP B 121 9.56 -1.65 -0.26
C ASP B 121 10.54 -2.07 -1.34
N LEU B 122 10.25 -3.18 -2.01
CA LEU B 122 11.07 -3.63 -3.13
C LEU B 122 10.98 -2.64 -4.28
N TYR B 123 9.78 -2.14 -4.53
CA TYR B 123 9.56 -1.17 -5.59
C TYR B 123 10.36 0.11 -5.33
N GLN B 124 10.42 0.52 -4.07
CA GLN B 124 11.08 1.75 -3.69
C GLN B 124 12.58 1.68 -3.95
N LEU B 125 13.16 0.49 -3.75
CA LEU B 125 14.59 0.29 -3.95
C LEU B 125 14.94 0.29 -5.44
N LYS B 126 14.17 -0.43 -6.23
CA LYS B 126 14.37 -0.47 -7.67
C LYS B 126 14.31 0.93 -8.26
N GLN B 127 13.50 1.79 -7.65
CA GLN B 127 13.41 3.18 -8.08
C GLN B 127 14.69 3.93 -7.74
N PHE B 128 15.28 3.60 -6.60
CA PHE B 128 16.45 4.32 -6.11
C PHE B 128 17.68 4.08 -6.98
N LEU B 129 17.77 2.88 -7.56
CA LEU B 129 18.92 2.52 -8.38
C LEU B 129 18.88 3.24 -9.73
N THR B 130 17.67 3.56 -10.18
CA THR B 130 17.46 4.21 -11.47
C THR B 130 17.51 5.74 -11.36
N SER B 131 17.24 6.25 -10.16
CA SER B 131 17.11 7.69 -9.95
C SER B 131 18.40 8.45 -10.23
N PRO B 132 18.28 9.75 -10.58
CA PRO B 132 19.47 10.59 -10.81
C PRO B 132 20.20 10.92 -9.52
N VAL B 133 19.51 10.81 -8.39
CA VAL B 133 20.06 11.16 -7.09
C VAL B 133 21.22 10.23 -6.71
N LEU B 134 21.13 8.97 -7.13
CA LEU B 134 22.14 7.98 -6.76
C LEU B 134 23.46 8.21 -7.50
N PHE B 135 23.39 8.74 -8.71
CA PHE B 135 24.59 9.01 -9.49
C PHE B 135 25.41 10.12 -8.83
N ALA B 136 24.74 11.00 -8.10
CA ALA B 136 25.41 12.09 -7.39
C ALA B 136 26.26 11.54 -6.25
N ILE B 137 25.81 10.45 -5.66
CA ILE B 137 26.53 9.83 -4.55
C ILE B 137 27.80 9.13 -5.05
N PHE B 138 27.74 8.59 -6.27
CA PHE B 138 28.88 7.88 -6.84
C PHE B 138 29.99 8.82 -7.31
N ASP B 139 29.72 10.13 -7.28
CA ASP B 139 30.70 11.12 -7.72
C ASP B 139 31.46 11.76 -6.56
N LEU B 140 30.96 11.55 -5.35
CA LEU B 140 31.54 12.16 -4.15
C LEU B 140 32.99 11.73 -3.84
N PRO B 141 33.28 10.42 -3.93
CA PRO B 141 34.64 10.01 -3.49
C PRO B 141 35.74 10.54 -4.40
N TRP B 142 35.38 11.11 -5.54
CA TRP B 142 36.37 11.66 -6.47
C TRP B 142 36.13 13.15 -6.70
N VAL B 143 35.46 13.79 -5.75
CA VAL B 143 35.42 15.24 -5.69
C VAL B 143 36.85 15.81 -5.50
N PRO B 144 37.72 15.09 -4.76
CA PRO B 144 39.12 15.51 -4.68
C PRO B 144 39.78 15.77 -6.03
N ILE B 145 39.24 15.22 -7.11
CA ILE B 145 39.77 15.46 -8.45
C ILE B 145 39.57 16.92 -8.85
N TYR B 146 38.32 17.39 -8.80
CA TYR B 146 38.02 18.79 -9.07
C TYR B 146 38.78 19.65 -8.08
N PHE B 147 38.76 19.21 -6.83
CA PHE B 147 39.53 19.80 -5.75
C PHE B 147 40.98 20.01 -6.18
N GLY B 148 41.52 19.01 -6.87
CA GLY B 148 42.89 19.04 -7.34
C GLY B 148 43.15 20.19 -8.30
N VAL B 149 42.52 20.12 -9.47
CA VAL B 149 42.69 21.12 -10.52
C VAL B 149 42.47 22.54 -10.00
N LEU B 150 41.61 22.67 -9.00
CA LEU B 150 41.28 23.97 -8.44
C LEU B 150 42.45 24.54 -7.64
N PHE B 151 43.05 23.73 -6.78
CA PHE B 151 44.09 24.21 -5.88
C PHE B 151 45.47 24.19 -6.53
N VAL B 152 45.74 23.18 -7.37
CA VAL B 152 47.03 23.10 -8.05
C VAL B 152 47.21 24.31 -8.94
N PHE B 153 46.09 24.79 -9.48
CA PHE B 153 46.08 26.01 -10.27
C PHE B 153 46.48 27.21 -9.40
N HIS B 154 45.80 27.36 -8.27
CA HIS B 154 46.10 28.45 -7.35
C HIS B 154 45.84 28.04 -5.90
N VAL B 155 46.78 28.41 -5.03
CA VAL B 155 46.72 28.04 -3.62
C VAL B 155 45.48 28.62 -2.93
N TYR B 156 45.26 29.92 -3.09
CA TYR B 156 44.18 30.60 -2.39
C TYR B 156 42.80 30.10 -2.82
N TYR B 157 42.74 29.42 -3.97
CA TYR B 157 41.49 28.82 -4.43
C TYR B 157 41.16 27.56 -3.64
N GLY B 158 42.18 26.74 -3.38
CA GLY B 158 42.02 25.50 -2.66
C GLY B 158 41.46 25.69 -1.26
N VAL B 159 41.74 26.85 -0.68
CA VAL B 159 41.25 27.17 0.67
C VAL B 159 39.75 27.38 0.65
N MET B 160 39.28 28.11 -0.36
CA MET B 160 37.85 28.33 -0.55
C MET B 160 37.09 27.00 -0.63
N ALA B 161 37.68 26.05 -1.34
CA ALA B 161 37.04 24.77 -1.59
C ALA B 161 36.91 23.95 -0.31
N ILE B 162 37.90 24.07 0.58
CA ILE B 162 37.82 23.44 1.90
C ILE B 162 36.83 24.17 2.77
N LEU B 163 37.01 25.48 2.89
CA LEU B 163 36.17 26.30 3.76
C LEU B 163 34.75 26.48 3.22
N SER B 164 34.49 25.98 2.01
CA SER B 164 33.14 25.96 1.46
C SER B 164 32.51 24.59 1.69
N MET B 165 33.21 23.53 1.27
CA MET B 165 32.76 22.16 1.48
C MET B 165 32.31 21.91 2.92
N ALA B 166 33.06 22.48 3.86
CA ALA B 166 32.76 22.30 5.28
C ALA B 166 31.45 22.99 5.67
N VAL B 167 30.90 23.80 4.78
CA VAL B 167 29.67 24.53 5.07
C VAL B 167 28.42 23.80 4.56
N ILE B 168 28.51 23.21 3.37
CA ILE B 168 27.38 22.46 2.81
C ILE B 168 27.30 21.10 3.52
N VAL B 169 28.47 20.52 3.78
CA VAL B 169 28.53 19.28 4.55
C VAL B 169 27.92 19.53 5.92
N ALA B 170 28.13 20.72 6.46
CA ALA B 170 27.52 21.09 7.73
C ALA B 170 26.00 21.13 7.59
N LEU B 171 25.51 21.89 6.61
CA LEU B 171 24.08 21.98 6.35
C LEU B 171 23.49 20.61 6.02
N ALA B 172 24.28 19.78 5.34
CA ALA B 172 23.82 18.46 4.92
C ALA B 172 23.70 17.51 6.12
N ILE B 173 24.57 17.67 7.09
CA ILE B 173 24.53 16.85 8.30
C ILE B 173 23.44 17.34 9.25
N LEU B 174 23.20 18.65 9.25
CA LEU B 174 22.08 19.19 10.00
C LEU B 174 20.80 18.58 9.49
N ASN B 175 20.70 18.47 8.16
CA ASN B 175 19.53 17.90 7.51
C ASN B 175 19.29 16.44 7.91
N GLU B 176 20.36 15.74 8.27
CA GLU B 176 20.27 14.34 8.68
C GLU B 176 19.49 14.18 9.98
N TYR B 177 20.08 14.66 11.08
CA TYR B 177 19.57 14.36 12.42
C TYR B 177 18.38 15.23 12.83
N ILE B 178 17.81 15.97 11.87
CA ILE B 178 16.58 16.71 12.11
C ILE B 178 15.44 16.16 11.26
N THR B 179 15.75 15.14 10.45
CA THR B 179 14.75 14.47 9.61
C THR B 179 14.86 12.95 9.69
N LYS B 180 15.99 12.46 10.19
CA LYS B 180 16.18 11.02 10.37
C LYS B 180 15.15 10.49 11.36
N LYS B 181 14.62 11.38 12.20
CA LYS B 181 13.68 11.00 13.24
C LYS B 181 12.23 11.05 12.76
N LYS B 182 11.94 11.95 11.83
CA LYS B 182 10.56 12.16 11.37
C LYS B 182 10.21 11.37 10.11
N LEU B 183 11.19 11.16 9.23
CA LEU B 183 10.93 10.38 8.02
C LEU B 183 10.58 8.94 8.38
N LYS B 184 11.26 8.41 9.41
CA LYS B 184 10.97 7.06 9.90
C LYS B 184 9.52 6.98 10.37
N GLU B 185 9.07 8.02 11.06
CA GLU B 185 7.73 8.04 11.63
C GLU B 185 6.68 8.36 10.58
N SER B 186 6.97 9.37 9.75
CA SER B 186 6.03 9.81 8.72
C SER B 186 5.69 8.66 7.77
N ASN B 187 6.68 7.82 7.51
CA ASN B 187 6.49 6.68 6.62
C ASN B 187 5.77 5.55 7.35
N GLU B 188 6.31 5.14 8.49
CA GLU B 188 5.78 4.02 9.26
C GLU B 188 4.30 4.13 9.56
N LEU B 189 3.85 5.33 9.92
CA LEU B 189 2.48 5.54 10.34
C LEU B 189 1.53 5.67 9.14
N LEU B 190 2.07 6.09 8.00
CA LEU B 190 1.26 6.18 6.78
C LEU B 190 0.91 4.77 6.31
N VAL B 191 1.81 3.83 6.56
CA VAL B 191 1.58 2.42 6.22
C VAL B 191 0.57 1.81 7.19
N ARG B 192 0.67 2.16 8.47
CA ARG B 192 -0.26 1.65 9.46
C ARG B 192 -1.64 2.28 9.27
N SER B 193 -1.66 3.49 8.70
CA SER B 193 -2.91 4.14 8.34
C SER B 193 -3.52 3.48 7.12
N THR B 194 -2.64 3.05 6.21
CA THR B 194 -3.05 2.29 5.03
C THR B 194 -3.60 0.93 5.44
N ASN B 195 -2.81 0.21 6.24
CA ASN B 195 -3.20 -1.12 6.71
C ASN B 195 -4.50 -1.09 7.51
N PHE B 196 -4.63 -0.11 8.40
CA PHE B 196 -5.84 0.00 9.22
C PHE B 196 -7.07 0.16 8.33
N LEU B 197 -6.96 1.01 7.32
CA LEU B 197 -8.08 1.29 6.42
C LEU B 197 -8.49 0.03 5.66
N ASN B 198 -7.52 -0.62 5.02
CA ASN B 198 -7.77 -1.84 4.26
C ASN B 198 -8.46 -2.91 5.10
N ARG B 199 -7.92 -3.15 6.29
CA ARG B 199 -8.50 -4.12 7.22
C ARG B 199 -9.92 -3.70 7.59
N ALA B 200 -10.10 -2.41 7.88
CA ALA B 200 -11.40 -1.90 8.29
C ALA B 200 -12.39 -1.85 7.14
N LEU B 201 -11.88 -1.79 5.91
CA LEU B 201 -12.72 -1.67 4.73
C LEU B 201 -13.35 -3.02 4.36
N LEU B 202 -12.81 -4.10 4.92
CA LEU B 202 -13.39 -5.43 4.71
C LEU B 202 -14.74 -5.55 5.41
N ASN B 203 -14.93 -4.73 6.45
CA ASN B 203 -16.15 -4.76 7.24
C ASN B 203 -17.09 -3.61 6.90
N ALA B 204 -17.00 -3.12 5.67
CA ALA B 204 -17.85 -2.03 5.21
C ALA B 204 -19.33 -2.36 5.37
N GLU B 205 -19.66 -3.64 5.36
CA GLU B 205 -21.04 -4.08 5.44
C GLU B 205 -21.71 -3.62 6.74
N VAL B 206 -21.02 -3.79 7.87
CA VAL B 206 -21.56 -3.33 9.15
C VAL B 206 -21.45 -1.81 9.28
N VAL B 207 -20.31 -1.27 8.86
CA VAL B 207 -20.07 0.17 8.91
C VAL B 207 -21.23 0.96 8.32
N GLU B 208 -21.68 0.53 7.15
CA GLU B 208 -22.79 1.17 6.47
C GLU B 208 -24.12 0.84 7.14
N ALA B 209 -24.20 -0.36 7.72
CA ALA B 209 -25.43 -0.82 8.37
C ALA B 209 -25.69 -0.04 9.66
N LEU B 210 -24.67 0.04 10.51
CA LEU B 210 -24.78 0.69 11.81
C LEU B 210 -24.30 2.14 11.78
N GLY B 211 -23.87 2.61 10.60
CA GLY B 211 -23.45 3.98 10.40
C GLY B 211 -22.37 4.45 11.35
N MET B 212 -21.30 3.66 11.46
CA MET B 212 -20.22 3.96 12.38
C MET B 212 -18.95 4.39 11.65
N ARG B 213 -19.12 5.04 10.49
CA ARG B 213 -17.96 5.45 9.70
C ARG B 213 -17.30 6.67 10.32
N ASN B 214 -18.11 7.60 10.82
CA ASN B 214 -17.56 8.78 11.49
C ASN B 214 -16.90 8.38 12.81
N ASN B 215 -17.39 7.31 13.41
CA ASN B 215 -16.79 6.80 14.64
C ASN B 215 -15.42 6.17 14.39
N LEU B 216 -15.31 5.42 13.29
CA LEU B 216 -14.05 4.82 12.91
C LEU B 216 -13.06 5.89 12.50
N TYR B 217 -13.58 7.00 11.97
CA TYR B 217 -12.74 8.10 11.55
C TYR B 217 -12.00 8.72 12.74
N LYS B 218 -12.70 8.87 13.86
CA LYS B 218 -12.09 9.37 15.08
C LYS B 218 -11.01 8.43 15.59
N LYS B 219 -11.24 7.13 15.44
CA LYS B 219 -10.28 6.12 15.87
C LYS B 219 -9.11 6.04 14.89
N TRP B 220 -9.39 6.30 13.61
CA TRP B 220 -8.36 6.22 12.58
C TRP B 220 -7.42 7.42 12.63
N MET B 221 -7.91 8.53 13.16
CA MET B 221 -7.12 9.77 13.19
C MET B 221 -6.00 9.69 14.22
N ASN B 222 -6.00 8.63 15.03
CA ASN B 222 -4.90 8.41 15.96
C ASN B 222 -3.63 7.97 15.26
N PHE B 223 -3.73 7.76 13.94
CA PHE B 223 -2.58 7.34 13.14
C PHE B 223 -2.22 8.36 12.06
N TYR B 224 -3.24 8.89 11.39
CA TYR B 224 -3.03 9.78 10.25
C TYR B 224 -2.58 11.17 10.71
N SER B 225 -3.16 11.66 11.79
CA SER B 225 -2.78 12.97 12.32
C SER B 225 -1.33 12.97 12.78
N LYS B 226 -0.87 11.82 13.28
CA LYS B 226 0.52 11.68 13.68
C LYS B 226 1.42 11.51 12.46
N HIS B 227 0.83 11.03 11.36
CA HIS B 227 1.56 10.94 10.09
C HIS B 227 1.72 12.31 9.47
N LEU B 228 0.63 13.09 9.47
CA LEU B 228 0.65 14.44 8.91
C LEU B 228 1.63 15.34 9.66
N SER B 229 1.54 15.31 10.99
CA SER B 229 2.44 16.10 11.83
C SER B 229 3.90 15.67 11.63
N ALA B 230 4.09 14.47 11.10
CA ALA B 230 5.42 13.96 10.79
C ALA B 230 5.81 14.31 9.36
N PHE B 231 4.84 14.18 8.44
CA PHE B 231 5.07 14.52 7.04
C PHE B 231 5.27 16.02 6.87
N GLU B 232 4.52 16.79 7.64
CA GLU B 232 4.65 18.24 7.62
C GLU B 232 6.04 18.67 8.06
N GLU B 233 6.36 18.43 9.33
CA GLU B 233 7.62 18.88 9.91
C GLU B 233 8.84 18.37 9.15
N ALA B 234 8.77 17.14 8.65
CA ALA B 234 9.90 16.53 7.95
C ALA B 234 10.25 17.30 6.68
N THR B 235 9.24 17.71 5.93
CA THR B 235 9.44 18.42 4.68
C THR B 235 9.80 19.89 4.94
N ASP B 236 9.19 20.49 5.95
CA ASP B 236 9.48 21.89 6.29
C ASP B 236 10.94 22.04 6.68
N ARG B 237 11.40 21.19 7.58
CA ARG B 237 12.78 21.19 8.02
C ARG B 237 13.73 20.85 6.88
N ASN B 238 13.33 19.86 6.07
CA ASN B 238 14.17 19.40 4.97
C ASN B 238 14.32 20.45 3.88
N ASN B 239 13.21 21.08 3.51
CA ASN B 239 13.22 22.09 2.47
C ASN B 239 14.01 23.33 2.88
N PHE B 240 13.79 23.80 4.11
CA PHE B 240 14.52 24.97 4.63
C PHE B 240 16.02 24.77 4.53
N LEU B 241 16.48 23.57 4.84
CA LEU B 241 17.90 23.24 4.77
C LEU B 241 18.36 23.07 3.33
N SER B 242 17.53 22.43 2.51
CA SER B 242 17.84 22.24 1.09
C SER B 242 17.96 23.59 0.40
N ASN B 243 17.23 24.57 0.91
CA ASN B 243 17.28 25.91 0.34
C ASN B 243 18.58 26.62 0.69
N LEU B 244 19.12 26.31 1.86
CA LEU B 244 20.40 26.86 2.28
C LEU B 244 21.56 26.20 1.54
N THR B 245 21.26 25.14 0.78
CA THR B 245 22.28 24.44 0.00
C THR B 245 22.26 24.90 -1.46
N ARG B 246 21.08 25.14 -1.99
CA ARG B 246 20.94 25.55 -3.38
C ARG B 246 21.45 26.97 -3.59
N ILE B 247 21.09 27.88 -2.69
CA ILE B 247 21.52 29.27 -2.82
C ILE B 247 23.00 29.39 -2.51
N PHE B 248 23.48 28.57 -1.59
CA PHE B 248 24.88 28.61 -1.17
C PHE B 248 25.79 28.15 -2.30
N ARG B 249 25.31 27.26 -3.15
CA ARG B 249 26.08 26.82 -4.31
C ARG B 249 26.22 27.98 -5.29
N ILE B 250 25.13 28.73 -5.48
CA ILE B 250 25.14 29.88 -6.38
C ILE B 250 25.98 31.02 -5.80
N MET B 251 25.98 31.12 -4.47
CA MET B 251 26.71 32.19 -3.78
C MET B 251 28.18 31.83 -3.63
N ALA B 252 28.47 30.55 -3.37
CA ALA B 252 29.84 30.07 -3.25
C ALA B 252 30.56 30.18 -4.59
N GLN B 253 29.81 29.98 -5.66
CA GLN B 253 30.34 30.13 -7.02
C GLN B 253 30.64 31.59 -7.33
N SER B 254 29.82 32.48 -6.77
CA SER B 254 29.97 33.91 -6.98
C SER B 254 31.10 34.48 -6.12
N LEU B 255 31.23 33.97 -4.90
CA LEU B 255 32.29 34.41 -3.99
C LEU B 255 33.64 33.86 -4.44
N MET B 256 33.61 32.85 -5.30
CA MET B 256 34.85 32.33 -5.89
C MET B 256 35.45 33.37 -6.83
N LEU B 257 34.58 34.03 -7.58
CA LEU B 257 35.02 35.12 -8.46
C LEU B 257 35.43 36.32 -7.62
N GLY B 258 34.88 36.42 -6.42
CA GLY B 258 35.26 37.46 -5.47
C GLY B 258 36.75 37.39 -5.20
N LEU B 259 37.24 36.19 -4.92
CA LEU B 259 38.68 35.97 -4.75
C LEU B 259 39.35 35.75 -6.11
N GLY B 260 38.55 35.37 -7.11
CA GLY B 260 39.08 35.14 -8.44
C GLY B 260 39.57 36.41 -9.09
N GLY B 261 38.97 37.54 -8.71
CA GLY B 261 39.36 38.82 -9.26
C GLY B 261 40.54 39.43 -8.52
N TYR B 262 40.58 39.25 -7.21
CA TYR B 262 41.66 39.77 -6.38
C TYR B 262 42.99 39.17 -6.80
N LEU B 263 42.96 37.91 -7.23
CA LEU B 263 44.16 37.15 -7.55
C LEU B 263 44.61 37.35 -8.99
N ALA B 264 44.01 38.30 -9.68
CA ALA B 264 44.40 38.62 -11.06
C ALA B 264 45.18 39.93 -11.09
N ILE B 265 44.92 40.78 -10.12
CA ILE B 265 45.59 42.07 -10.02
C ILE B 265 46.83 41.92 -9.16
N LYS B 266 46.78 41.01 -8.19
CA LYS B 266 48.00 40.48 -7.59
C LYS B 266 48.70 39.65 -8.66
N HIS B 267 50.02 39.56 -8.57
CA HIS B 267 50.80 38.86 -9.60
C HIS B 267 50.67 37.35 -9.47
N GLU B 268 49.69 36.78 -10.17
CA GLU B 268 49.47 35.34 -10.18
C GLU B 268 48.98 34.92 -11.57
N ILE B 269 49.16 33.65 -11.91
CA ILE B 269 48.75 33.13 -13.22
C ILE B 269 47.26 32.77 -13.19
N THR B 270 46.44 33.74 -12.83
CA THR B 270 45.00 33.53 -12.73
C THR B 270 44.21 34.07 -13.91
N THR B 271 44.92 34.55 -14.93
CA THR B 271 44.26 35.20 -16.06
C THR B 271 43.50 34.19 -16.92
N GLY B 272 42.17 34.22 -16.81
CA GLY B 272 41.30 33.37 -17.62
C GLY B 272 40.68 32.22 -16.85
N MET B 273 41.39 31.71 -15.85
CA MET B 273 40.90 30.62 -15.02
C MET B 273 40.01 31.18 -13.90
N ILE B 274 39.86 32.50 -13.86
CA ILE B 274 38.99 33.13 -12.87
C ILE B 274 37.61 32.48 -12.86
N VAL B 275 37.15 32.12 -14.05
CA VAL B 275 35.85 31.46 -14.20
C VAL B 275 35.96 29.97 -13.93
N ALA B 276 37.03 29.35 -14.45
CA ALA B 276 37.22 27.91 -14.34
C ALA B 276 37.18 27.45 -12.90
N GLY B 277 37.54 28.34 -11.97
CA GLY B 277 37.46 28.03 -10.56
C GLY B 277 36.03 27.90 -10.11
N SER B 278 35.20 28.85 -10.49
CA SER B 278 33.79 28.85 -10.13
C SER B 278 33.06 27.65 -10.74
N ILE B 279 33.45 27.28 -11.96
CA ILE B 279 32.86 26.14 -12.63
C ILE B 279 33.24 24.84 -11.91
N LEU B 280 34.53 24.68 -11.63
CA LEU B 280 35.00 23.50 -10.91
C LEU B 280 34.44 23.45 -9.51
N LEU B 281 34.21 24.61 -8.91
CA LEU B 281 33.65 24.68 -7.57
C LEU B 281 32.20 24.21 -7.60
N GLY B 282 31.49 24.58 -8.66
CA GLY B 282 30.12 24.17 -8.86
C GLY B 282 29.96 22.66 -8.95
N ARG B 283 31.05 21.98 -9.29
CA ARG B 283 31.07 20.52 -9.38
C ARG B 283 31.53 19.89 -8.07
N ILE B 284 32.31 20.64 -7.30
CA ILE B 284 32.71 20.20 -5.96
C ILE B 284 31.51 20.29 -5.02
N LEU B 285 30.64 21.29 -5.27
CA LEU B 285 29.41 21.46 -4.51
C LEU B 285 28.20 21.02 -5.32
N GLY B 286 28.43 20.33 -6.43
CA GLY B 286 27.36 19.91 -7.32
C GLY B 286 26.54 18.76 -6.78
N PRO B 287 27.18 17.62 -6.51
CA PRO B 287 26.51 16.42 -5.99
C PRO B 287 25.66 16.67 -4.75
N ILE B 288 26.26 17.25 -3.72
CA ILE B 288 25.56 17.46 -2.44
C ILE B 288 24.31 18.32 -2.62
N ASP B 289 24.37 19.29 -3.53
CA ASP B 289 23.22 20.15 -3.80
C ASP B 289 22.03 19.34 -4.28
N THR B 290 22.29 18.37 -5.16
CA THR B 290 21.22 17.53 -5.68
C THR B 290 20.78 16.50 -4.65
N ILE B 291 21.67 16.17 -3.71
CA ILE B 291 21.37 15.21 -2.66
C ILE B 291 20.37 15.78 -1.66
N VAL B 292 20.70 16.92 -1.07
CA VAL B 292 19.87 17.53 -0.04
C VAL B 292 18.52 17.98 -0.62
N ASN B 293 18.52 18.39 -1.89
CA ASN B 293 17.29 18.78 -2.57
C ASN B 293 16.30 17.62 -2.63
N GLY B 294 16.81 16.40 -2.55
CA GLY B 294 15.98 15.22 -2.56
C GLY B 294 16.46 14.17 -1.57
N TRP B 295 16.65 14.58 -0.32
CA TRP B 295 17.04 13.65 0.73
C TRP B 295 15.85 12.79 1.13
N ARG B 296 14.65 13.24 0.75
CA ARG B 296 13.43 12.48 0.97
C ARG B 296 13.54 11.08 0.41
N GLN B 297 14.00 10.99 -0.84
CA GLN B 297 14.18 9.70 -1.50
C GLN B 297 15.17 8.85 -0.72
N ILE B 298 16.36 9.39 -0.49
CA ILE B 298 17.40 8.68 0.25
C ILE B 298 16.87 8.28 1.64
N GLY B 299 16.01 9.12 2.20
CA GLY B 299 15.43 8.85 3.50
C GLY B 299 14.43 7.71 3.46
N ASN B 300 13.47 7.80 2.54
CA ASN B 300 12.43 6.78 2.41
C ASN B 300 12.98 5.44 1.94
N THR B 301 14.07 5.47 1.18
CA THR B 301 14.69 4.25 0.70
C THR B 301 15.44 3.54 1.83
N LYS B 302 15.97 4.34 2.77
CA LYS B 302 16.65 3.78 3.93
C LYS B 302 15.63 3.12 4.85
N VAL B 303 14.42 3.68 4.87
CA VAL B 303 13.30 3.06 5.58
C VAL B 303 12.88 1.79 4.85
N ALA B 304 12.75 1.90 3.53
CA ALA B 304 12.36 0.76 2.70
C ALA B 304 13.43 -0.34 2.75
N TYR B 305 14.69 0.08 2.83
CA TYR B 305 15.81 -0.86 2.91
C TYR B 305 15.74 -1.70 4.17
N THR B 306 15.72 -1.04 5.32
CA THR B 306 15.75 -1.72 6.61
C THR B 306 14.51 -2.58 6.84
N ARG B 307 13.35 -2.06 6.44
CA ARG B 307 12.09 -2.77 6.65
C ARG B 307 12.06 -4.07 5.84
N LEU B 308 12.43 -3.99 4.58
CA LEU B 308 12.50 -5.18 3.73
C LEU B 308 13.60 -6.10 4.23
N ASN B 309 14.68 -5.51 4.73
CA ASN B 309 15.77 -6.29 5.31
C ASN B 309 15.28 -7.03 6.54
N GLU B 310 14.53 -6.33 7.38
CA GLU B 310 13.95 -6.93 8.58
C GLU B 310 12.93 -8.00 8.20
N PHE B 311 12.14 -7.70 7.18
CA PHE B 311 11.12 -8.64 6.71
C PHE B 311 11.75 -9.92 6.20
N LEU B 312 12.97 -9.83 5.68
CA LEU B 312 13.65 -10.98 5.10
C LEU B 312 14.48 -11.76 6.12
N LYS B 313 14.57 -11.25 7.34
CA LYS B 313 15.31 -11.93 8.40
C LYS B 313 14.70 -13.29 8.74
N PHE B 314 13.42 -13.45 8.40
CA PHE B 314 12.67 -14.66 8.80
C PHE B 314 12.93 -15.85 7.88
N LEU B 315 13.71 -15.64 6.81
CA LEU B 315 14.07 -16.74 5.92
C LEU B 315 15.31 -17.48 6.44
N PRO B 326 9.50 -39.58 2.43
CA PRO B 326 8.52 -40.66 2.24
C PRO B 326 7.09 -40.12 2.18
N GLU B 327 6.11 -41.01 2.21
CA GLU B 327 4.69 -40.64 2.17
C GLU B 327 4.06 -40.89 3.52
N PRO B 328 3.13 -40.00 3.95
CA PRO B 328 2.52 -40.24 5.26
C PRO B 328 1.48 -41.35 5.20
N LYS B 329 1.48 -42.23 6.21
CA LYS B 329 0.47 -43.27 6.32
C LYS B 329 -0.74 -42.78 7.11
N GLY B 330 -0.62 -41.62 7.74
CA GLY B 330 -1.75 -40.98 8.41
C GLY B 330 -1.76 -41.11 9.91
N GLU B 331 -0.58 -41.37 10.50
CA GLU B 331 -0.47 -41.37 11.95
C GLU B 331 -0.01 -40.00 12.45
N ILE B 332 -0.82 -39.39 13.31
CA ILE B 332 -0.45 -38.11 13.93
C ILE B 332 -0.22 -38.33 15.42
N GLU B 333 0.77 -37.62 15.96
CA GLU B 333 1.10 -37.74 17.38
C GLU B 333 1.67 -36.46 17.96
N LEU B 334 1.06 -35.99 19.05
CA LEU B 334 1.57 -34.85 19.79
C LEU B 334 2.06 -35.30 21.15
N SER B 335 3.16 -34.72 21.61
CA SER B 335 3.77 -35.09 22.87
C SER B 335 4.33 -33.88 23.61
N ASN B 336 3.82 -33.64 24.82
CA ASN B 336 4.27 -32.55 25.67
C ASN B 336 4.12 -31.19 24.98
N VAL B 337 3.21 -31.13 24.02
CA VAL B 337 3.03 -29.93 23.21
C VAL B 337 2.51 -28.75 24.02
N VAL B 338 3.23 -27.64 23.94
CA VAL B 338 2.80 -26.38 24.54
C VAL B 338 2.84 -25.32 23.45
N VAL B 339 1.70 -24.69 23.18
CA VAL B 339 1.60 -23.76 22.07
C VAL B 339 1.18 -22.38 22.53
N VAL B 340 1.98 -21.39 22.14
CA VAL B 340 1.65 -20.00 22.38
C VAL B 340 1.32 -19.35 21.03
N PRO B 341 0.13 -18.75 20.90
CA PRO B 341 -0.19 -18.17 19.60
C PRO B 341 0.69 -16.97 19.27
N PRO B 342 0.89 -16.68 17.98
CA PRO B 342 1.68 -15.49 17.62
C PRO B 342 1.16 -14.22 18.28
N GLU B 343 2.08 -13.47 18.89
CA GLU B 343 1.78 -12.16 19.48
C GLU B 343 0.93 -12.25 20.75
N GLY B 344 0.89 -13.44 21.34
CA GLY B 344 0.27 -13.65 22.65
C GLY B 344 1.33 -14.14 23.60
N LYS B 345 1.25 -13.72 24.86
CA LYS B 345 2.20 -14.16 25.87
C LYS B 345 1.75 -15.48 26.49
N THR B 346 0.45 -15.64 26.68
CA THR B 346 -0.09 -16.83 27.34
C THR B 346 -0.15 -18.02 26.39
N PRO B 347 0.08 -19.24 26.90
CA PRO B 347 -0.11 -20.45 26.09
C PRO B 347 -1.58 -20.77 25.85
N VAL B 348 -1.91 -21.28 24.67
CA VAL B 348 -3.30 -21.59 24.31
C VAL B 348 -3.50 -23.11 24.28
N LEU B 349 -2.40 -23.84 24.14
CA LEU B 349 -2.41 -25.29 24.31
C LEU B 349 -1.37 -25.67 25.36
N ARG B 350 -1.78 -26.46 26.35
CA ARG B 350 -0.91 -26.81 27.46
C ARG B 350 -0.70 -28.32 27.58
N ASN B 351 0.50 -28.76 27.22
CA ASN B 351 0.90 -30.16 27.38
C ASN B 351 -0.07 -31.12 26.74
N ILE B 352 -0.42 -30.86 25.49
CA ILE B 352 -1.35 -31.73 24.77
C ILE B 352 -0.65 -33.06 24.45
N ASN B 353 -1.28 -34.15 24.83
CA ASN B 353 -0.74 -35.49 24.58
C ASN B 353 -1.77 -36.43 23.97
N MET B 354 -1.55 -36.82 22.72
CA MET B 354 -2.43 -37.76 22.04
C MET B 354 -1.76 -38.31 20.79
N ARG B 355 -2.15 -39.52 20.40
CA ARG B 355 -1.69 -40.11 19.14
C ARG B 355 -2.89 -40.58 18.31
N ILE B 356 -3.01 -40.04 17.10
CA ILE B 356 -4.05 -40.46 16.17
C ILE B 356 -3.48 -41.50 15.23
N LEU B 357 -4.00 -42.72 15.30
CA LEU B 357 -3.54 -43.79 14.44
C LEU B 357 -4.04 -43.57 13.01
N PRO B 358 -3.41 -44.23 12.03
CA PRO B 358 -3.83 -44.13 10.65
C PRO B 358 -5.29 -44.55 10.44
N GLY B 359 -6.01 -43.80 9.63
CA GLY B 359 -7.38 -44.15 9.27
C GLY B 359 -8.35 -44.00 10.41
N GLU B 360 -7.88 -43.44 11.51
CA GLU B 360 -8.68 -43.25 12.70
C GLU B 360 -9.38 -41.91 12.62
N PHE B 361 -10.65 -41.89 12.98
CA PHE B 361 -11.41 -40.66 13.07
C PHE B 361 -11.26 -40.05 14.46
N VAL B 362 -11.37 -38.72 14.54
CA VAL B 362 -11.26 -38.03 15.82
C VAL B 362 -12.18 -36.82 15.86
N ALA B 363 -13.09 -36.80 16.84
CA ALA B 363 -13.92 -35.63 17.11
C ALA B 363 -13.25 -34.78 18.17
N ILE B 364 -13.07 -33.50 17.88
CA ILE B 364 -12.58 -32.54 18.86
C ILE B 364 -13.75 -31.67 19.33
N ILE B 365 -14.23 -31.97 20.53
CA ILE B 365 -15.33 -31.20 21.13
C ILE B 365 -14.82 -30.42 22.33
N GLY B 366 -15.61 -29.49 22.81
CA GLY B 366 -15.24 -28.67 23.96
C GLY B 366 -15.85 -27.28 23.84
N PRO B 367 -15.97 -26.57 24.97
CA PRO B 367 -16.60 -25.25 24.98
C PRO B 367 -15.91 -24.26 24.05
N SER B 368 -16.66 -23.26 23.58
CA SER B 368 -16.12 -22.28 22.65
C SER B 368 -15.03 -21.45 23.31
N GLY B 369 -13.82 -21.54 22.76
CA GLY B 369 -12.68 -20.84 23.30
C GLY B 369 -11.71 -21.77 24.02
N SER B 370 -12.02 -23.06 24.04
CA SER B 370 -11.22 -24.05 24.76
C SER B 370 -9.91 -24.37 24.05
N GLY B 371 -9.82 -24.01 22.77
CA GLY B 371 -8.60 -24.20 22.02
C GLY B 371 -8.65 -25.42 21.12
N LYS B 372 -9.68 -25.46 20.27
CA LYS B 372 -9.83 -26.55 19.31
C LYS B 372 -9.14 -26.19 18.01
N SER B 373 -9.47 -25.04 17.46
CA SER B 373 -8.85 -24.54 16.25
C SER B 373 -7.34 -24.42 16.45
N SER B 374 -6.93 -24.15 17.69
CA SER B 374 -5.51 -24.10 18.03
C SER B 374 -4.87 -25.47 17.87
N LEU B 375 -5.52 -26.49 18.42
CA LEU B 375 -5.03 -27.86 18.29
C LEU B 375 -4.99 -28.26 16.82
N VAL B 376 -6.00 -27.81 16.07
CA VAL B 376 -6.04 -28.00 14.63
C VAL B 376 -4.85 -27.33 13.96
N ARG B 377 -4.65 -26.05 14.25
CA ARG B 377 -3.64 -25.23 13.57
C ARG B 377 -2.20 -25.69 13.82
N THR B 378 -2.01 -26.53 14.82
CA THR B 378 -0.67 -27.01 15.17
C THR B 378 -0.43 -28.42 14.64
N ILE B 379 -1.50 -29.19 14.51
CA ILE B 379 -1.41 -30.49 13.85
C ILE B 379 -1.02 -30.29 12.40
N LEU B 380 -1.52 -29.22 11.79
CA LEU B 380 -1.24 -28.88 10.40
C LEU B 380 0.09 -28.15 10.23
N GLY B 381 0.67 -27.71 11.34
CA GLY B 381 1.97 -27.06 11.34
C GLY B 381 1.92 -25.58 11.01
N ILE B 382 0.74 -24.99 11.17
CA ILE B 382 0.56 -23.56 10.94
C ILE B 382 1.18 -22.79 12.10
N TRP B 383 0.89 -23.25 13.31
CA TRP B 383 1.50 -22.71 14.52
C TRP B 383 2.53 -23.69 15.06
N LEU B 384 3.68 -23.15 15.48
CA LEU B 384 4.73 -23.98 16.04
C LEU B 384 4.74 -23.88 17.57
N PRO B 385 4.92 -25.02 18.27
CA PRO B 385 4.92 -25.03 19.73
C PRO B 385 6.24 -24.56 20.32
N VAL B 386 6.21 -24.07 21.54
CA VAL B 386 7.42 -23.66 22.24
C VAL B 386 8.06 -24.86 22.93
N HIS B 387 7.22 -25.82 23.32
CA HIS B 387 7.69 -27.07 23.91
C HIS B 387 6.94 -28.24 23.27
N GLY B 388 7.53 -29.43 23.37
CA GLY B 388 6.89 -30.63 22.87
C GLY B 388 7.13 -30.85 21.39
N THR B 389 6.62 -31.97 20.87
CA THR B 389 6.87 -32.38 19.50
C THR B 389 5.58 -32.79 18.79
N VAL B 390 5.51 -32.48 17.49
CA VAL B 390 4.43 -32.92 16.64
C VAL B 390 4.99 -33.90 15.60
N GLU B 391 4.70 -35.18 15.78
CA GLU B 391 5.23 -36.22 14.92
C GLU B 391 4.14 -36.78 14.01
N ILE B 392 4.46 -36.90 12.73
CA ILE B 392 3.57 -37.52 11.74
C ILE B 392 4.18 -38.84 11.29
N ASP B 393 3.52 -39.95 11.62
CA ASP B 393 4.02 -41.30 11.33
C ASP B 393 5.38 -41.56 11.98
N GLY B 394 6.41 -40.85 11.54
CA GLY B 394 7.72 -40.92 12.17
C GLY B 394 8.03 -39.61 12.88
N ALA B 395 9.06 -39.61 13.71
CA ALA B 395 9.47 -38.39 14.39
C ALA B 395 9.86 -37.31 13.38
N ASP B 396 8.94 -36.36 13.16
CA ASP B 396 9.09 -35.36 12.10
C ASP B 396 8.65 -33.97 12.54
N LEU B 397 9.53 -33.27 13.26
CA LEU B 397 9.26 -31.90 13.66
C LEU B 397 9.24 -31.00 12.43
N LYS B 398 8.12 -31.05 11.71
CA LYS B 398 7.90 -30.29 10.48
C LYS B 398 9.14 -30.27 9.58
N GLN B 399 9.76 -31.43 9.41
CA GLN B 399 10.89 -31.56 8.49
C GLN B 399 10.38 -31.60 7.05
N TRP B 400 9.07 -31.82 6.91
CA TRP B 400 8.41 -31.80 5.61
C TRP B 400 8.48 -30.43 4.96
N ASP B 401 8.67 -30.40 3.65
CA ASP B 401 8.47 -29.19 2.88
C ASP B 401 6.99 -29.04 2.59
N ARG B 402 6.40 -27.99 3.13
CA ARG B 402 4.95 -27.78 3.04
C ARG B 402 4.44 -27.81 1.60
N ASP B 403 5.32 -27.51 0.66
CA ASP B 403 4.96 -27.50 -0.75
C ASP B 403 4.64 -28.92 -1.23
N TYR B 404 5.32 -29.90 -0.67
CA TYR B 404 5.06 -31.30 -0.96
C TYR B 404 4.01 -31.86 -0.01
N PHE B 405 4.09 -31.45 1.25
CA PHE B 405 3.19 -31.93 2.29
C PHE B 405 1.74 -31.54 2.02
N GLY B 406 1.55 -30.34 1.48
CA GLY B 406 0.23 -29.81 1.20
C GLY B 406 -0.59 -30.70 0.28
N LYS B 407 0.09 -31.45 -0.57
CA LYS B 407 -0.58 -32.35 -1.50
C LYS B 407 -1.28 -33.49 -0.76
N PHE B 408 -0.75 -33.84 0.41
CA PHE B 408 -1.21 -35.01 1.15
C PHE B 408 -2.21 -34.68 2.26
N VAL B 409 -2.42 -33.38 2.52
CA VAL B 409 -3.36 -32.96 3.55
C VAL B 409 -4.55 -32.24 2.94
N GLY B 410 -5.68 -32.31 3.63
CA GLY B 410 -6.85 -31.54 3.30
C GLY B 410 -7.24 -30.68 4.49
N TYR B 411 -7.69 -29.46 4.23
CA TYR B 411 -8.01 -28.53 5.30
C TYR B 411 -9.22 -27.66 4.98
N LEU B 412 -10.14 -27.60 5.93
CA LEU B 412 -11.30 -26.72 5.86
C LEU B 412 -11.33 -25.85 7.12
N PRO B 413 -10.83 -24.61 7.03
CA PRO B 413 -10.73 -23.76 8.23
C PRO B 413 -12.07 -23.20 8.66
N GLN B 414 -12.12 -22.68 9.89
CA GLN B 414 -13.35 -22.09 10.42
C GLN B 414 -13.87 -20.96 9.54
N ASP B 415 -12.95 -20.22 8.93
CA ASP B 415 -13.33 -19.04 8.16
C ASP B 415 -13.45 -19.33 6.67
N ILE B 416 -13.27 -20.60 6.29
CA ILE B 416 -13.55 -21.06 4.93
C ILE B 416 -12.82 -20.19 3.91
N GLU B 417 -11.52 -20.38 3.81
CA GLU B 417 -10.67 -19.45 3.07
C GLU B 417 -10.59 -19.76 1.59
N LEU B 418 -11.52 -19.20 0.82
CA LEU B 418 -11.47 -19.29 -0.64
C LEU B 418 -10.67 -18.11 -1.20
N PHE B 419 -10.32 -18.19 -2.47
CA PHE B 419 -9.52 -17.16 -3.14
C PHE B 419 -10.25 -16.64 -4.37
N GLU B 420 -9.84 -15.47 -4.86
CA GLU B 420 -10.35 -14.97 -6.13
C GLU B 420 -9.85 -15.87 -7.26
N GLY B 421 -10.78 -16.33 -8.10
CA GLY B 421 -10.46 -17.25 -9.16
C GLY B 421 -11.61 -18.23 -9.34
N THR B 422 -11.45 -19.19 -10.24
CA THR B 422 -12.52 -20.12 -10.53
C THR B 422 -12.70 -21.15 -9.44
N VAL B 423 -13.88 -21.76 -9.40
CA VAL B 423 -14.16 -22.86 -8.49
C VAL B 423 -13.14 -23.96 -8.73
N ALA B 424 -12.95 -24.28 -10.00
CA ALA B 424 -11.96 -25.25 -10.43
C ALA B 424 -10.61 -24.96 -9.78
N GLU B 425 -10.14 -23.73 -9.92
CA GLU B 425 -8.87 -23.32 -9.35
C GLU B 425 -8.85 -23.45 -7.83
N ASN B 426 -9.91 -22.98 -7.18
CA ASN B 426 -10.00 -23.04 -5.73
C ASN B 426 -9.98 -24.46 -5.20
N ILE B 427 -10.72 -25.35 -5.87
CA ILE B 427 -10.76 -26.75 -5.46
C ILE B 427 -9.43 -27.45 -5.75
N ALA B 428 -8.73 -26.99 -6.77
CA ALA B 428 -7.45 -27.59 -7.16
C ALA B 428 -6.27 -26.93 -6.45
N ARG B 429 -6.55 -26.07 -5.48
CA ARG B 429 -5.52 -25.28 -4.81
C ARG B 429 -4.66 -24.55 -5.84
N PHE B 430 -5.31 -24.10 -6.91
CA PHE B 430 -4.64 -23.35 -7.99
C PHE B 430 -3.50 -24.14 -8.63
N GLY B 431 -3.57 -25.47 -8.53
CA GLY B 431 -2.70 -26.33 -9.30
C GLY B 431 -3.22 -26.37 -10.73
N GLU B 432 -2.59 -27.20 -11.58
CA GLU B 432 -3.05 -27.35 -12.95
C GLU B 432 -4.48 -27.86 -12.98
N LEU B 433 -5.32 -27.20 -13.76
CA LEU B 433 -6.74 -27.50 -13.79
C LEU B 433 -7.03 -28.88 -14.36
N ASP B 434 -7.10 -29.88 -13.50
CA ASP B 434 -7.41 -31.24 -13.91
C ASP B 434 -8.92 -31.41 -14.02
N SER B 435 -9.42 -31.41 -15.26
CA SER B 435 -10.84 -31.50 -15.54
C SER B 435 -11.50 -32.67 -14.83
N GLU B 436 -10.76 -33.78 -14.72
CA GLU B 436 -11.29 -34.97 -14.05
C GLU B 436 -11.26 -34.79 -12.54
N LYS B 437 -10.07 -34.54 -12.01
CA LYS B 437 -9.80 -34.60 -10.58
C LYS B 437 -10.70 -33.69 -9.76
N ILE B 438 -11.01 -32.52 -10.31
CA ILE B 438 -11.86 -31.53 -9.63
C ILE B 438 -13.25 -32.13 -9.35
N ILE B 439 -13.77 -32.86 -10.32
CA ILE B 439 -15.14 -33.37 -10.25
C ILE B 439 -15.25 -34.50 -9.23
N GLU B 440 -14.27 -35.41 -9.21
CA GLU B 440 -14.28 -36.52 -8.27
C GLU B 440 -14.20 -36.00 -6.85
N ALA B 441 -13.42 -34.94 -6.65
CA ALA B 441 -13.32 -34.28 -5.36
C ALA B 441 -14.68 -33.67 -4.99
N ALA B 442 -15.31 -33.03 -5.95
CA ALA B 442 -16.61 -32.41 -5.76
C ALA B 442 -17.70 -33.45 -5.51
N LYS B 443 -17.69 -34.52 -6.30
CA LYS B 443 -18.67 -35.59 -6.14
C LYS B 443 -18.52 -36.26 -4.78
N LEU B 444 -17.30 -36.23 -4.24
CA LEU B 444 -17.05 -36.78 -2.92
C LEU B 444 -17.61 -35.86 -1.85
N SER B 445 -17.23 -34.59 -1.92
CA SER B 445 -17.67 -33.59 -0.96
C SER B 445 -19.16 -33.31 -1.06
N GLY B 446 -19.72 -33.61 -2.23
CA GLY B 446 -21.11 -33.28 -2.50
C GLY B 446 -21.24 -31.88 -3.04
N ALA B 447 -20.11 -31.24 -3.29
CA ALA B 447 -20.10 -29.88 -3.81
C ALA B 447 -20.55 -29.85 -5.27
N HIS B 448 -20.32 -30.97 -5.98
CA HIS B 448 -20.65 -31.08 -7.40
C HIS B 448 -22.10 -30.73 -7.68
N ASP B 449 -22.99 -31.12 -6.76
CA ASP B 449 -24.40 -30.79 -6.87
C ASP B 449 -24.60 -29.28 -6.92
N VAL B 450 -23.86 -28.58 -6.06
CA VAL B 450 -24.02 -27.12 -5.93
C VAL B 450 -23.31 -26.37 -7.05
N ILE B 451 -22.11 -26.83 -7.38
CA ILE B 451 -21.26 -26.13 -8.35
C ILE B 451 -21.92 -25.96 -9.71
N ILE B 452 -22.72 -26.95 -10.11
CA ILE B 452 -23.37 -26.93 -11.43
C ILE B 452 -24.40 -25.80 -11.56
N LYS B 453 -25.18 -25.58 -10.51
CA LYS B 453 -26.27 -24.62 -10.56
C LYS B 453 -25.80 -23.19 -10.76
N LEU B 454 -24.53 -22.92 -10.47
CA LEU B 454 -23.95 -21.62 -10.77
C LEU B 454 -23.85 -21.47 -12.29
N PRO B 455 -24.01 -20.25 -12.81
CA PRO B 455 -23.89 -20.05 -14.26
C PRO B 455 -22.48 -20.35 -14.72
N ASP B 456 -22.31 -21.06 -15.84
CA ASP B 456 -21.03 -21.65 -16.22
C ASP B 456 -20.35 -22.23 -14.98
N GLY B 457 -21.10 -23.09 -14.29
CA GLY B 457 -20.76 -23.59 -12.96
C GLY B 457 -19.30 -23.75 -12.58
N TYR B 458 -18.62 -24.72 -13.19
CA TYR B 458 -17.27 -25.08 -12.75
C TYR B 458 -16.23 -24.03 -13.11
N ASP B 459 -16.63 -23.02 -13.88
CA ASP B 459 -15.72 -21.95 -14.29
C ASP B 459 -16.33 -20.58 -13.99
N THR B 460 -16.84 -20.43 -12.77
CA THR B 460 -17.40 -19.16 -12.31
C THR B 460 -16.33 -18.28 -11.70
N TYR B 461 -16.52 -16.97 -11.74
CA TYR B 461 -15.61 -16.06 -11.06
C TYR B 461 -16.02 -15.84 -9.62
N ILE B 462 -15.35 -16.54 -8.72
CA ILE B 462 -15.50 -16.30 -7.29
C ILE B 462 -14.73 -15.04 -6.93
N GLY B 463 -15.41 -14.11 -6.27
CA GLY B 463 -14.76 -12.87 -5.84
C GLY B 463 -13.76 -13.17 -4.74
N PRO B 464 -12.90 -12.18 -4.42
CA PRO B 464 -11.87 -12.37 -3.39
C PRO B 464 -12.44 -12.84 -2.05
N GLY B 465 -12.18 -14.10 -1.71
CA GLY B 465 -12.69 -14.69 -0.49
C GLY B 465 -14.04 -15.37 -0.68
N GLY B 466 -14.70 -15.03 -1.80
CA GLY B 466 -16.00 -15.59 -2.11
C GLY B 466 -17.14 -14.64 -1.82
N ILE B 467 -16.87 -13.35 -1.98
CA ILE B 467 -17.88 -12.32 -1.78
C ILE B 467 -19.04 -12.52 -2.75
N THR B 468 -18.73 -13.07 -3.93
CA THR B 468 -19.75 -13.31 -4.96
C THR B 468 -20.47 -14.64 -4.75
N LEU B 469 -20.31 -15.23 -3.58
CA LEU B 469 -20.99 -16.48 -3.23
C LEU B 469 -21.59 -16.46 -1.84
N SER B 470 -22.67 -17.20 -1.66
CA SER B 470 -23.22 -17.45 -0.34
C SER B 470 -22.20 -18.19 0.50
N GLY B 471 -22.04 -17.78 1.76
CA GLY B 471 -21.12 -18.45 2.67
C GLY B 471 -21.45 -19.93 2.79
N GLY B 472 -22.73 -20.26 2.64
CA GLY B 472 -23.17 -21.65 2.70
C GLY B 472 -22.67 -22.45 1.53
N GLN B 473 -22.53 -21.79 0.38
CA GLN B 473 -21.96 -22.42 -0.81
C GLN B 473 -20.46 -22.51 -0.67
N ARG B 474 -19.86 -21.46 -0.10
CA ARG B 474 -18.40 -21.40 0.06
C ARG B 474 -17.86 -22.58 0.83
N GLN B 475 -18.60 -23.05 1.83
CA GLN B 475 -18.13 -24.13 2.68
C GLN B 475 -18.17 -25.47 1.96
N ARG B 476 -19.08 -25.60 1.01
CA ARG B 476 -19.19 -26.82 0.20
C ARG B 476 -17.97 -26.94 -0.71
N ILE B 477 -17.64 -25.85 -1.39
CA ILE B 477 -16.46 -25.80 -2.25
C ILE B 477 -15.20 -26.00 -1.43
N ALA B 478 -15.12 -25.33 -0.29
CA ALA B 478 -13.96 -25.44 0.59
C ALA B 478 -13.73 -26.89 1.00
N LEU B 479 -14.82 -27.68 1.05
CA LEU B 479 -14.73 -29.10 1.36
C LEU B 479 -14.18 -29.86 0.15
N ALA B 480 -14.53 -29.40 -1.04
CA ALA B 480 -14.03 -30.02 -2.25
C ALA B 480 -12.51 -29.80 -2.36
N ARG B 481 -12.07 -28.59 -2.02
CA ARG B 481 -10.65 -28.29 -1.95
C ARG B 481 -9.97 -29.15 -0.91
N ALA B 482 -10.64 -29.34 0.22
CA ALA B 482 -10.09 -30.14 1.29
C ALA B 482 -9.86 -31.58 0.82
N LEU B 483 -10.89 -32.17 0.27
CA LEU B 483 -10.84 -33.53 -0.21
C LEU B 483 -10.01 -33.78 -1.45
N TYR B 484 -9.83 -32.76 -2.27
CA TYR B 484 -9.18 -32.94 -3.54
C TYR B 484 -7.80 -33.51 -3.38
N GLY B 485 -7.42 -34.42 -4.26
CA GLY B 485 -6.13 -35.08 -4.21
C GLY B 485 -6.13 -36.30 -3.34
N ASN B 486 -7.27 -36.64 -2.78
CA ASN B 486 -7.35 -37.84 -1.97
C ASN B 486 -6.33 -37.86 -0.84
N PRO B 487 -6.30 -36.79 -0.08
CA PRO B 487 -5.30 -36.56 0.96
C PRO B 487 -5.30 -37.64 2.02
N ARG B 488 -4.16 -37.87 2.65
CA ARG B 488 -4.05 -38.88 3.70
C ARG B 488 -4.70 -38.38 4.98
N ILE B 489 -4.46 -37.11 5.29
CA ILE B 489 -4.99 -36.50 6.50
C ILE B 489 -5.98 -35.40 6.12
N VAL B 490 -7.11 -35.37 6.83
CA VAL B 490 -8.16 -34.38 6.56
C VAL B 490 -8.61 -33.75 7.86
N ILE B 491 -8.38 -32.45 8.00
CA ILE B 491 -8.86 -31.68 9.14
C ILE B 491 -10.03 -30.78 8.71
N LEU B 492 -11.16 -30.90 9.39
CA LEU B 492 -12.32 -30.06 9.14
C LEU B 492 -12.67 -29.25 10.38
N ASP B 493 -12.28 -27.98 10.37
CA ASP B 493 -12.50 -27.10 11.51
C ASP B 493 -13.89 -26.46 11.46
N GLU B 494 -14.86 -27.14 12.08
CA GLU B 494 -16.24 -26.68 12.12
C GLU B 494 -16.78 -26.44 10.70
N PRO B 495 -16.98 -27.51 9.94
CA PRO B 495 -17.43 -27.47 8.54
C PRO B 495 -18.96 -27.41 8.38
N ASP B 496 -19.70 -27.25 9.47
CA ASP B 496 -21.16 -27.23 9.43
C ASP B 496 -21.72 -25.84 9.71
N SER B 497 -20.86 -24.92 10.14
CA SER B 497 -21.26 -23.54 10.31
C SER B 497 -21.66 -22.97 8.95
N ASN B 498 -22.92 -22.56 8.84
CA ASN B 498 -23.51 -22.14 7.57
C ASN B 498 -23.58 -23.29 6.55
N LEU B 499 -24.33 -24.34 6.89
CA LEU B 499 -24.60 -25.41 5.93
C LEU B 499 -26.09 -25.72 5.84
N ASP B 500 -26.57 -25.92 4.61
CA ASP B 500 -27.95 -26.34 4.38
C ASP B 500 -28.20 -27.71 5.00
N GLU B 501 -29.46 -28.10 5.08
CA GLU B 501 -29.79 -29.43 5.52
C GLU B 501 -29.16 -30.40 4.54
N GLN B 502 -29.22 -30.05 3.25
CA GLN B 502 -28.61 -30.85 2.19
C GLN B 502 -27.09 -30.82 2.29
N GLY B 503 -26.55 -29.63 2.56
CA GLY B 503 -25.11 -29.46 2.69
C GLY B 503 -24.54 -30.21 3.87
N GLU B 504 -25.31 -30.25 4.96
CA GLU B 504 -24.94 -31.04 6.14
C GLU B 504 -25.02 -32.51 5.82
N GLN B 505 -26.03 -32.88 5.03
CA GLN B 505 -26.19 -34.27 4.61
C GLN B 505 -25.04 -34.67 3.71
N ALA B 506 -24.56 -33.74 2.90
CA ALA B 506 -23.44 -34.01 2.00
C ALA B 506 -22.17 -34.30 2.79
N LEU B 507 -21.88 -33.45 3.78
CA LEU B 507 -20.71 -33.62 4.62
C LEU B 507 -20.76 -34.96 5.34
N TYR B 508 -21.96 -35.39 5.70
CA TYR B 508 -22.14 -36.67 6.39
C TYR B 508 -21.73 -37.82 5.49
N ASN B 509 -22.19 -37.77 4.23
CA ASN B 509 -21.83 -38.78 3.25
C ASN B 509 -20.34 -38.75 2.94
N ALA B 510 -19.78 -37.54 2.90
CA ALA B 510 -18.36 -37.37 2.62
C ALA B 510 -17.51 -38.08 3.67
N LEU B 511 -17.85 -37.88 4.93
CA LEU B 511 -17.12 -38.51 6.03
C LEU B 511 -17.22 -40.03 5.97
N ILE B 512 -18.36 -40.54 5.54
CA ILE B 512 -18.58 -41.97 5.44
C ILE B 512 -17.64 -42.58 4.39
N GLU B 513 -17.57 -41.94 3.22
CA GLU B 513 -16.71 -42.39 2.15
C GLU B 513 -15.24 -42.33 2.57
N LEU B 514 -14.88 -41.29 3.32
CA LEU B 514 -13.51 -41.14 3.81
C LEU B 514 -13.13 -42.22 4.80
N LYS B 515 -14.11 -42.71 5.54
CA LYS B 515 -13.85 -43.73 6.55
C LYS B 515 -13.68 -45.09 5.88
N LYS B 516 -14.31 -45.24 4.73
CA LYS B 516 -14.14 -46.45 3.93
C LYS B 516 -12.80 -46.40 3.22
N ARG B 517 -12.36 -45.20 2.87
CA ARG B 517 -11.03 -45.01 2.28
C ARG B 517 -9.94 -44.96 3.35
N LYS B 518 -10.32 -45.29 4.59
CA LYS B 518 -9.39 -45.34 5.73
C LYS B 518 -8.53 -44.09 5.83
N VAL B 519 -9.18 -42.93 5.69
CA VAL B 519 -8.53 -41.65 5.89
C VAL B 519 -8.50 -41.31 7.37
N THR B 520 -7.41 -40.69 7.82
CA THR B 520 -7.31 -40.25 9.21
C THR B 520 -7.91 -38.86 9.35
N THR B 521 -9.19 -38.81 9.69
CA THR B 521 -9.94 -37.56 9.68
C THR B 521 -10.10 -36.98 11.08
N ILE B 522 -9.85 -35.68 11.20
CA ILE B 522 -10.07 -34.95 12.44
C ILE B 522 -11.16 -33.91 12.21
N ILE B 523 -12.36 -34.20 12.72
CA ILE B 523 -13.50 -33.31 12.56
C ILE B 523 -13.74 -32.55 13.86
N VAL B 524 -13.66 -31.22 13.79
CA VAL B 524 -14.03 -30.38 14.91
C VAL B 524 -15.51 -30.04 14.79
N SER B 525 -16.34 -30.76 15.55
CA SER B 525 -17.77 -30.52 15.54
C SER B 525 -18.44 -31.24 16.70
N HIS B 526 -19.54 -30.66 17.19
CA HIS B 526 -20.28 -31.23 18.31
C HIS B 526 -21.64 -31.75 17.87
N ARG B 527 -21.86 -31.79 16.55
CA ARG B 527 -23.15 -32.25 16.01
C ARG B 527 -23.37 -33.72 16.38
N ILE B 528 -24.64 -34.09 16.50
CA ILE B 528 -25.01 -35.39 17.02
C ILE B 528 -24.58 -36.53 16.10
N ARG B 529 -24.86 -36.36 14.81
CA ARG B 529 -24.61 -37.42 13.83
C ARG B 529 -23.14 -37.78 13.71
N LEU B 530 -22.28 -36.77 13.67
CA LEU B 530 -20.87 -36.97 13.38
C LEU B 530 -20.14 -37.75 14.49
N LEU B 531 -20.57 -37.55 15.73
CA LEU B 531 -19.93 -38.20 16.87
C LEU B 531 -20.12 -39.72 16.82
N ASN B 532 -21.09 -40.18 16.04
CA ASN B 532 -21.37 -41.61 15.94
C ASN B 532 -20.43 -42.32 14.97
N LEU B 533 -19.88 -41.57 14.01
CA LEU B 533 -18.97 -42.12 13.01
C LEU B 533 -17.51 -42.04 13.43
N VAL B 534 -17.24 -41.27 14.49
CA VAL B 534 -15.90 -40.69 14.64
C VAL B 534 -14.89 -41.54 15.42
N ASP B 535 -15.27 -42.76 15.78
CA ASP B 535 -14.28 -43.72 16.29
C ASP B 535 -13.71 -43.33 17.66
N LYS B 536 -13.07 -42.16 17.72
CA LYS B 536 -12.45 -41.65 18.94
C LYS B 536 -12.81 -40.17 19.14
N ILE B 537 -12.90 -39.72 20.39
CA ILE B 537 -13.27 -38.34 20.69
C ILE B 537 -12.25 -37.68 21.61
N ALA B 538 -12.07 -36.37 21.43
CA ALA B 538 -11.15 -35.58 22.24
C ALA B 538 -11.87 -34.36 22.84
N ILE B 539 -11.81 -34.22 24.15
CA ILE B 539 -12.43 -33.07 24.83
C ILE B 539 -11.37 -32.06 25.28
N MET B 540 -11.59 -30.79 24.92
CA MET B 540 -10.68 -29.71 25.25
C MET B 540 -11.26 -28.84 26.36
N GLN B 541 -10.38 -28.25 27.17
CA GLN B 541 -10.80 -27.31 28.20
C GLN B 541 -9.61 -26.51 28.71
N ASP B 542 -9.69 -25.18 28.58
CA ASP B 542 -8.64 -24.28 29.05
C ASP B 542 -7.29 -24.64 28.44
N GLY B 543 -7.30 -24.99 27.16
CA GLY B 543 -6.08 -25.31 26.45
C GLY B 543 -5.41 -26.59 26.92
N THR B 544 -6.10 -27.37 27.72
CA THR B 544 -5.59 -28.66 28.18
C THR B 544 -6.49 -29.76 27.65
N LEU B 545 -5.88 -30.79 27.09
CA LEU B 545 -6.64 -31.93 26.57
C LEU B 545 -7.26 -32.68 27.74
N LYS B 546 -8.50 -32.33 28.07
CA LYS B 546 -9.20 -32.90 29.22
C LYS B 546 -9.41 -34.41 29.09
N ALA B 547 -9.68 -34.87 27.87
CA ALA B 547 -9.94 -36.29 27.65
C ALA B 547 -9.66 -36.70 26.21
N PHE B 548 -9.34 -37.98 26.02
CA PHE B 548 -9.10 -38.51 24.69
C PHE B 548 -9.22 -40.04 24.70
N GLY B 549 -10.41 -40.54 24.36
CA GLY B 549 -10.67 -41.96 24.36
C GLY B 549 -11.76 -42.35 23.38
N LYS B 550 -12.08 -43.64 23.35
CA LYS B 550 -13.07 -44.19 22.42
C LYS B 550 -14.41 -43.46 22.52
N ALA B 551 -15.02 -43.22 21.36
CA ALA B 551 -16.22 -42.39 21.27
C ALA B 551 -17.41 -42.95 22.06
N ASP B 552 -17.62 -44.26 21.98
CA ASP B 552 -18.75 -44.89 22.66
C ASP B 552 -18.72 -44.66 24.18
N ILE B 553 -17.51 -44.59 24.73
CA ILE B 553 -17.35 -44.33 26.15
C ILE B 553 -17.75 -42.89 26.49
N ILE B 554 -17.04 -41.94 25.89
CA ILE B 554 -17.26 -40.52 26.14
C ILE B 554 -18.71 -40.10 25.90
N ILE B 555 -19.28 -40.51 24.77
CA ILE B 555 -20.65 -40.14 24.42
C ILE B 555 -21.65 -40.55 25.49
N GLN B 556 -21.51 -41.76 26.02
CA GLN B 556 -22.40 -42.23 27.07
C GLN B 556 -22.22 -41.43 28.35
N LYS B 557 -20.99 -41.01 28.61
CA LYS B 557 -20.68 -40.23 29.82
C LYS B 557 -21.07 -38.77 29.67
N LEU B 558 -21.50 -38.38 28.48
CA LEU B 558 -22.07 -37.05 28.27
C LEU B 558 -23.56 -37.10 28.56
N LEU B 559 -23.90 -37.60 29.74
CA LEU B 559 -25.30 -37.71 30.16
C LEU B 559 -25.42 -37.49 31.67
PB ADP C . -27.87 -17.00 1.94
O1B ADP C . -28.80 -18.18 2.02
O2B ADP C . -28.19 -15.89 2.92
O3B ADP C . -26.40 -17.36 1.87
PA ADP C . -27.35 -15.07 -0.01
O1A ADP C . -25.91 -15.25 0.39
O2A ADP C . -28.10 -13.82 0.40
O3A ADP C . -28.18 -16.35 0.50
O5' ADP C . -27.44 -15.21 -1.61
C5' ADP C . -26.50 -16.01 -2.32
C4' ADP C . -26.62 -15.73 -3.82
O4' ADP C . -26.55 -14.32 -4.05
C3' ADP C . -25.50 -16.40 -4.59
O3' ADP C . -26.05 -17.31 -5.55
C2' ADP C . -24.75 -15.28 -5.31
O2' ADP C . -24.82 -15.48 -6.73
C1' ADP C . -25.46 -13.99 -4.93
N9 ADP C . -24.50 -13.09 -4.23
C8 ADP C . -24.20 -13.14 -2.92
N7 ADP C . -23.29 -12.18 -2.59
C5 ADP C . -23.01 -11.50 -3.71
C6 ADP C . -22.13 -10.36 -4.08
N6 ADP C . -21.35 -9.74 -3.16
N1 ADP C . -22.13 -9.96 -5.37
C2 ADP C . -22.89 -10.56 -6.31
N3 ADP C . -23.71 -11.60 -6.04
C4 ADP C . -23.81 -12.10 -4.79
MG MG D . -26.07 -16.28 3.61
PB ADP E . -11.74 -22.38 19.78
O1B ADP E . -12.23 -23.67 20.41
O2B ADP E . -11.54 -22.45 18.28
O3B ADP E . -12.45 -21.14 20.26
PA ADP E . -9.29 -21.04 19.83
O1A ADP E . -8.15 -21.66 19.05
O2A ADP E . -10.15 -19.98 19.18
O3A ADP E . -10.24 -22.22 20.37
O5' ADP E . -8.69 -20.42 21.20
C5' ADP E . -9.43 -19.46 21.94
C4' ADP E . -8.49 -18.70 22.87
O4' ADP E . -7.19 -18.62 22.28
C3' ADP E . -8.99 -17.29 23.14
O3' ADP E . -9.20 -17.11 24.54
C2' ADP E . -7.89 -16.36 22.66
O2' ADP E . -7.41 -15.57 23.75
C1' ADP E . -6.78 -17.25 22.13
N9 ADP E . -6.55 -16.96 20.69
C8 ADP E . -7.26 -17.46 19.66
N7 ADP E . -6.80 -16.99 18.47
C5 ADP E . -5.77 -16.17 18.73
C6 ADP E . -4.84 -15.34 17.94
N6 ADP E . -4.91 -15.31 16.58
N1 ADP E . -3.91 -14.62 18.60
C2 ADP E . -3.82 -14.65 19.94
N3 ADP E . -4.63 -15.38 20.73
C4 ADP E . -5.61 -16.15 20.19
MG MG F . -13.05 -23.29 17.00
#